data_226D
# 
_entry.id   226D 
# 
_audit_conform.dict_name       mmcif_pdbx.dic 
_audit_conform.dict_version    5.387 
_audit_conform.dict_location   http://mmcif.pdb.org/dictionaries/ascii/mmcif_pdbx.dic 
# 
loop_
_database_2.database_id 
_database_2.database_code 
_database_2.pdbx_database_accession 
_database_2.pdbx_DOI 
PDB   226D         pdb_0000226d 10.2210/pdb226d/pdb 
WWPDB D_1000177602 ?            ?                   
# 
loop_
_pdbx_audit_revision_history.ordinal 
_pdbx_audit_revision_history.data_content_type 
_pdbx_audit_revision_history.major_revision 
_pdbx_audit_revision_history.minor_revision 
_pdbx_audit_revision_history.revision_date 
1 'Structure model' 1 0 1996-01-29 
2 'Structure model' 1 1 2008-03-03 
3 'Structure model' 1 2 2011-07-13 
4 'Structure model' 1 3 2022-03-09 
5 'Structure model' 1 4 2024-03-13 
# 
_pdbx_audit_revision_details.ordinal             1 
_pdbx_audit_revision_details.revision_ordinal    1 
_pdbx_audit_revision_details.data_content_type   'Structure model' 
_pdbx_audit_revision_details.provider            repository 
_pdbx_audit_revision_details.type                'Initial release' 
_pdbx_audit_revision_details.description         ? 
_pdbx_audit_revision_details.details             ? 
# 
loop_
_pdbx_audit_revision_group.ordinal 
_pdbx_audit_revision_group.revision_ordinal 
_pdbx_audit_revision_group.data_content_type 
_pdbx_audit_revision_group.group 
1 2 'Structure model' 'Version format compliance' 
2 3 'Structure model' 'Version format compliance' 
3 4 'Structure model' 'Data collection'           
4 4 'Structure model' 'Database references'       
5 4 'Structure model' 'Derived calculations'      
6 4 'Structure model' Other                       
7 5 'Structure model' 'Data collection'           
8 5 'Structure model' 'Source and taxonomy'       
9 5 'Structure model' 'Structure summary'         
# 
loop_
_pdbx_audit_revision_category.ordinal 
_pdbx_audit_revision_category.revision_ordinal 
_pdbx_audit_revision_category.data_content_type 
_pdbx_audit_revision_category.category 
1  4 'Structure model' database_2            
2  4 'Structure model' pdbx_database_status  
3  4 'Structure model' pdbx_nmr_software     
4  4 'Structure model' pdbx_struct_assembly  
5  4 'Structure model' pdbx_struct_oper_list 
6  4 'Structure model' struct_site           
7  5 'Structure model' chem_comp_atom        
8  5 'Structure model' chem_comp_bond        
9  5 'Structure model' entity                
10 5 'Structure model' pdbx_entity_src_syn   
# 
loop_
_pdbx_audit_revision_item.ordinal 
_pdbx_audit_revision_item.revision_ordinal 
_pdbx_audit_revision_item.data_content_type 
_pdbx_audit_revision_item.item 
1 4 'Structure model' '_database_2.pdbx_DOI'                
2 4 'Structure model' '_database_2.pdbx_database_accession' 
3 4 'Structure model' '_pdbx_database_status.process_site'  
4 4 'Structure model' '_pdbx_nmr_software.name'             
5 4 'Structure model' '_struct_site.pdbx_auth_asym_id'      
6 4 'Structure model' '_struct_site.pdbx_auth_comp_id'      
7 4 'Structure model' '_struct_site.pdbx_auth_seq_id'       
8 5 'Structure model' '_entity.details'                     
# 
_pdbx_database_status.status_code                     REL 
_pdbx_database_status.entry_id                        226D 
_pdbx_database_status.recvd_initial_deposition_date   1995-07-19 
_pdbx_database_status.deposit_site                    ? 
_pdbx_database_status.process_site                    BNL 
_pdbx_database_status.SG_entry                        . 
_pdbx_database_status.pdb_format_compatible           Y 
_pdbx_database_status.status_code_mr                  ? 
_pdbx_database_status.status_code_sf                  ? 
_pdbx_database_status.status_code_cs                  ? 
_pdbx_database_status.status_code_nmr_data            ? 
_pdbx_database_status.methods_development_category    ? 
# 
loop_
_audit_author.name 
_audit_author.pdbx_ordinal 
'Thompson, A.S.' 1 
'Hurley, L.H.'   2 
# 
_citation.id                        primary 
_citation.title                     
'Solution conformation of a bizelesin A-tract duplex adduct: DNA-DNA cross-linking of an A-tract straightens out bent DNA.' 
_citation.journal_abbrev            J.Mol.Biol. 
_citation.journal_volume            252 
_citation.page_first                86 
_citation.page_last                 101 
_citation.year                      1995 
_citation.journal_id_ASTM           JMOBAK 
_citation.country                   UK 
_citation.journal_id_ISSN           0022-2836 
_citation.journal_id_CSD            0070 
_citation.book_publisher            ? 
_citation.pdbx_database_id_PubMed   7666436 
_citation.pdbx_database_id_DOI      10.1006/jmbi.1994.0477 
# 
loop_
_citation_author.citation_id 
_citation_author.name 
_citation_author.ordinal 
_citation_author.identifier_ORCID 
primary 'Thompson, A.S.' 1 ? 
primary 'Hurley, L.H.'   2 ? 
# 
loop_
_entity.id 
_entity.type 
_entity.src_method 
_entity.pdbx_description 
_entity.formula_weight 
_entity.pdbx_number_of_molecules 
_entity.pdbx_ec 
_entity.pdbx_mutation 
_entity.pdbx_fragment 
_entity.details 
1 polymer     syn 
;DNA (5'-D(*CP*GP*TP*TP*TP*TP*TP*AP*CP*G)-3')
;
3025.989 1 ? ? ? ?                        
2 polymer     syn 
;DNA (5'-D(*CP*GP*TP*AP*AP*AP*AP*AP*CP*G)-3')
;
3062.045 1 ? ? ? ?                        
3 non-polymer syn BIZELESIN                                      746.812  1 ? ? ? 'CHEMICALLY SYNTHESIZED' 
# 
loop_
_entity_keywords.entity_id 
_entity_keywords.text 
1 'DEOXYRIBONUCLEIC ACID' 
2 'DEOXYRIBONUCLEIC ACID' 
# 
_entity_name_com.entity_id   3 
_entity_name_com.name        BIZELESIN 
# 
_entity_name_sys.entity_id   3 
_entity_name_sys.name        
;6,6'-{CARBONYLBIS(IMINO-1H-INDOLE-5,2-DIYLCARBONYL)}BIS{8-(CHLOROMETHYL)-3,6,7,8-TETRAHYDRO-1-METHYL-BENZO{1,2-B,4,3-B'}DIPYRROL-4-OL{S-(R*,R*)}
;
# 
loop_
_entity_poly.entity_id 
_entity_poly.type 
_entity_poly.nstd_linkage 
_entity_poly.nstd_monomer 
_entity_poly.pdbx_seq_one_letter_code 
_entity_poly.pdbx_seq_one_letter_code_can 
_entity_poly.pdbx_strand_id 
_entity_poly.pdbx_target_identifier 
1 polydeoxyribonucleotide no no '(DC)(DG)(DT)(DT)(DT)(DT)(DT)(DA)(DC)(DG)' CGTTTTTACG A ? 
2 polydeoxyribonucleotide no no '(DC)(DG)(DT)(DA)(DA)(DA)(DA)(DA)(DC)(DG)' CGTAAAAACG B ? 
# 
_pdbx_entity_nonpoly.entity_id   3 
_pdbx_entity_nonpoly.name        BIZELESIN 
_pdbx_entity_nonpoly.comp_id     BIZ 
# 
loop_
_entity_poly_seq.entity_id 
_entity_poly_seq.num 
_entity_poly_seq.mon_id 
_entity_poly_seq.hetero 
1 1  DC n 
1 2  DG n 
1 3  DT n 
1 4  DT n 
1 5  DT n 
1 6  DT n 
1 7  DT n 
1 8  DA n 
1 9  DC n 
1 10 DG n 
2 1  DC n 
2 2  DG n 
2 3  DT n 
2 4  DA n 
2 5  DA n 
2 6  DA n 
2 7  DA n 
2 8  DA n 
2 9  DC n 
2 10 DG n 
# 
loop_
_pdbx_entity_src_syn.entity_id 
_pdbx_entity_src_syn.pdbx_src_id 
_pdbx_entity_src_syn.pdbx_alt_source_flag 
_pdbx_entity_src_syn.pdbx_beg_seq_num 
_pdbx_entity_src_syn.pdbx_end_seq_num 
_pdbx_entity_src_syn.organism_scientific 
_pdbx_entity_src_syn.organism_common_name 
_pdbx_entity_src_syn.ncbi_taxonomy_id 
_pdbx_entity_src_syn.details 
1 1 sample ? ? ? ? ? 'CHEMICALLY SYNTHESIZED' 
2 1 sample ? ? ? ? ? 'CHEMICALLY SYNTHESIZED' 
# 
loop_
_chem_comp.id 
_chem_comp.type 
_chem_comp.mon_nstd_flag 
_chem_comp.name 
_chem_comp.pdbx_synonyms 
_chem_comp.formula 
_chem_comp.formula_weight 
BIZ non-polymer   . BIZELESIN                            ? 'C43 H38 N8 O5'   746.812 
DA  'DNA linking' y "2'-DEOXYADENOSINE-5'-MONOPHOSPHATE" ? 'C10 H14 N5 O6 P' 331.222 
DC  'DNA linking' y "2'-DEOXYCYTIDINE-5'-MONOPHOSPHATE"  ? 'C9 H14 N3 O7 P'  307.197 
DG  'DNA linking' y "2'-DEOXYGUANOSINE-5'-MONOPHOSPHATE" ? 'C10 H14 N5 O7 P' 347.221 
DT  'DNA linking' y "THYMIDINE-5'-MONOPHOSPHATE"         ? 'C10 H15 N2 O8 P' 322.208 
# 
loop_
_pdbx_poly_seq_scheme.asym_id 
_pdbx_poly_seq_scheme.entity_id 
_pdbx_poly_seq_scheme.seq_id 
_pdbx_poly_seq_scheme.mon_id 
_pdbx_poly_seq_scheme.ndb_seq_num 
_pdbx_poly_seq_scheme.pdb_seq_num 
_pdbx_poly_seq_scheme.auth_seq_num 
_pdbx_poly_seq_scheme.pdb_mon_id 
_pdbx_poly_seq_scheme.auth_mon_id 
_pdbx_poly_seq_scheme.pdb_strand_id 
_pdbx_poly_seq_scheme.pdb_ins_code 
_pdbx_poly_seq_scheme.hetero 
A 1 1  DC 1  1  1  DC C A . n 
A 1 2  DG 2  2  2  DG G A . n 
A 1 3  DT 3  3  3  DT T A . n 
A 1 4  DT 4  4  4  DT T A . n 
A 1 5  DT 5  5  5  DT T A . n 
A 1 6  DT 6  6  6  DT T A . n 
A 1 7  DT 7  7  7  DT T A . n 
A 1 8  DA 8  8  8  DA A A . n 
A 1 9  DC 9  9  9  DC C A . n 
A 1 10 DG 10 10 10 DG G A . n 
B 2 1  DC 1  11 11 DC C B . n 
B 2 2  DG 2  12 12 DG G B . n 
B 2 3  DT 3  13 13 DT T B . n 
B 2 4  DA 4  14 14 DA A B . n 
B 2 5  DA 5  15 15 DA A B . n 
B 2 6  DA 6  16 16 DA A B . n 
B 2 7  DA 7  17 17 DA A B . n 
B 2 8  DA 8  18 18 DA A B . n 
B 2 9  DC 9  19 19 DC C B . n 
B 2 10 DG 10 20 20 DG G B . n 
# 
_pdbx_nonpoly_scheme.asym_id         C 
_pdbx_nonpoly_scheme.entity_id       3 
_pdbx_nonpoly_scheme.mon_id          BIZ 
_pdbx_nonpoly_scheme.ndb_seq_num     1 
_pdbx_nonpoly_scheme.pdb_seq_num     21 
_pdbx_nonpoly_scheme.auth_seq_num    21 
_pdbx_nonpoly_scheme.pdb_mon_id      BIZ 
_pdbx_nonpoly_scheme.auth_mon_id     BIZ 
_pdbx_nonpoly_scheme.pdb_strand_id   B 
_pdbx_nonpoly_scheme.pdb_ins_code    . 
# 
_software.name             AMBER 
_software.classification   refinement 
_software.version          . 
_software.citation_id      ? 
_software.pdbx_ordinal     1 
# 
_cell.entry_id           226D 
_cell.length_a           1.000 
_cell.length_b           1.000 
_cell.length_c           1.000 
_cell.angle_alpha        90.00 
_cell.angle_beta         90.00 
_cell.angle_gamma        90.00 
_cell.Z_PDB              1 
_cell.pdbx_unique_axis   ? 
# 
_symmetry.entry_id                         226D 
_symmetry.space_group_name_H-M             'P 1' 
_symmetry.pdbx_full_space_group_name_H-M   ? 
_symmetry.cell_setting                     ? 
_symmetry.Int_Tables_number                1 
# 
_exptl.entry_id          226D 
_exptl.method            'SOLUTION NMR' 
_exptl.crystals_number   ? 
# 
_struct.entry_id                  226D 
_struct.title                     'SOLUTION CONFORMATION OF A BIZELESIN A-TRACT DUPLEX ADDUCT, NMR, 1 STRUCTURE' 
_struct.pdbx_model_details        ? 
_struct.pdbx_CASP_flag            ? 
_struct.pdbx_model_type_details   ? 
# 
_struct_keywords.entry_id        226D 
_struct_keywords.pdbx_keywords   DNA 
_struct_keywords.text            'DNA, DNA-LIGAND, ADDUCT, BIZELESIN' 
# 
loop_
_struct_asym.id 
_struct_asym.pdbx_blank_PDB_chainid_flag 
_struct_asym.pdbx_modified 
_struct_asym.entity_id 
_struct_asym.details 
A N N 1 ? 
B N N 2 ? 
C N N 3 ? 
# 
loop_
_struct_ref.id 
_struct_ref.entity_id 
_struct_ref.db_name 
_struct_ref.db_code 
_struct_ref.pdbx_db_accession 
_struct_ref.pdbx_db_isoform 
_struct_ref.pdbx_seq_one_letter_code 
_struct_ref.pdbx_align_begin 
1 1 PDB 226D 226D ? ? ? 
2 2 PDB 226D 226D ? ? ? 
# 
loop_
_struct_ref_seq.align_id 
_struct_ref_seq.ref_id 
_struct_ref_seq.pdbx_PDB_id_code 
_struct_ref_seq.pdbx_strand_id 
_struct_ref_seq.seq_align_beg 
_struct_ref_seq.pdbx_seq_align_beg_ins_code 
_struct_ref_seq.seq_align_end 
_struct_ref_seq.pdbx_seq_align_end_ins_code 
_struct_ref_seq.pdbx_db_accession 
_struct_ref_seq.db_align_beg 
_struct_ref_seq.pdbx_db_align_beg_ins_code 
_struct_ref_seq.db_align_end 
_struct_ref_seq.pdbx_db_align_end_ins_code 
_struct_ref_seq.pdbx_auth_seq_align_beg 
_struct_ref_seq.pdbx_auth_seq_align_end 
1 1 226D A 1 ? 10 ? 226D 1  ? 10 ? 1  10 
2 2 226D B 1 ? 10 ? 226D 11 ? 20 ? 11 20 
# 
_pdbx_struct_assembly.id                   1 
_pdbx_struct_assembly.details              author_defined_assembly 
_pdbx_struct_assembly.method_details       ? 
_pdbx_struct_assembly.oligomeric_details   dimeric 
_pdbx_struct_assembly.oligomeric_count     2 
# 
_pdbx_struct_assembly_gen.assembly_id       1 
_pdbx_struct_assembly_gen.oper_expression   1 
_pdbx_struct_assembly_gen.asym_id_list      A,B,C 
# 
_pdbx_struct_oper_list.id                   1 
_pdbx_struct_oper_list.type                 'identity operation' 
_pdbx_struct_oper_list.name                 1_555 
_pdbx_struct_oper_list.symmetry_operation   x,y,z 
_pdbx_struct_oper_list.matrix[1][1]         1.0000000000 
_pdbx_struct_oper_list.matrix[1][2]         0.0000000000 
_pdbx_struct_oper_list.matrix[1][3]         0.0000000000 
_pdbx_struct_oper_list.vector[1]            0.0000000000 
_pdbx_struct_oper_list.matrix[2][1]         0.0000000000 
_pdbx_struct_oper_list.matrix[2][2]         1.0000000000 
_pdbx_struct_oper_list.matrix[2][3]         0.0000000000 
_pdbx_struct_oper_list.vector[2]            0.0000000000 
_pdbx_struct_oper_list.matrix[3][1]         0.0000000000 
_pdbx_struct_oper_list.matrix[3][2]         0.0000000000 
_pdbx_struct_oper_list.matrix[3][3]         1.0000000000 
_pdbx_struct_oper_list.vector[3]            0.0000000000 
# 
_struct_biol.id   1 
# 
loop_
_struct_conn.id 
_struct_conn.conn_type_id 
_struct_conn.pdbx_leaving_atom_flag 
_struct_conn.pdbx_PDB_id 
_struct_conn.ptnr1_label_asym_id 
_struct_conn.ptnr1_label_comp_id 
_struct_conn.ptnr1_label_seq_id 
_struct_conn.ptnr1_label_atom_id 
_struct_conn.pdbx_ptnr1_label_alt_id 
_struct_conn.pdbx_ptnr1_PDB_ins_code 
_struct_conn.pdbx_ptnr1_standard_comp_id 
_struct_conn.ptnr1_symmetry 
_struct_conn.ptnr2_label_asym_id 
_struct_conn.ptnr2_label_comp_id 
_struct_conn.ptnr2_label_seq_id 
_struct_conn.ptnr2_label_atom_id 
_struct_conn.pdbx_ptnr2_label_alt_id 
_struct_conn.pdbx_ptnr2_PDB_ins_code 
_struct_conn.ptnr1_auth_asym_id 
_struct_conn.ptnr1_auth_comp_id 
_struct_conn.ptnr1_auth_seq_id 
_struct_conn.ptnr2_auth_asym_id 
_struct_conn.ptnr2_auth_comp_id 
_struct_conn.ptnr2_auth_seq_id 
_struct_conn.ptnr2_symmetry 
_struct_conn.pdbx_ptnr3_label_atom_id 
_struct_conn.pdbx_ptnr3_label_seq_id 
_struct_conn.pdbx_ptnr3_label_comp_id 
_struct_conn.pdbx_ptnr3_label_asym_id 
_struct_conn.pdbx_ptnr3_label_alt_id 
_struct_conn.pdbx_ptnr3_PDB_ins_code 
_struct_conn.details 
_struct_conn.pdbx_dist_value 
_struct_conn.pdbx_value_order 
_struct_conn.pdbx_role 
hydrog1  hydrog ? ? A DC 1  N3 ? ? ? 1_555 B DG 10 N1 ? ? A DC 1  B DG 20 1_555 ? ? ? ? ? ? WATSON-CRICK ? ? ? 
hydrog2  hydrog ? ? A DC 1  N4 ? ? ? 1_555 B DG 10 O6 ? ? A DC 1  B DG 20 1_555 ? ? ? ? ? ? WATSON-CRICK ? ? ? 
hydrog3  hydrog ? ? A DC 1  O2 ? ? ? 1_555 B DG 10 N2 ? ? A DC 1  B DG 20 1_555 ? ? ? ? ? ? WATSON-CRICK ? ? ? 
hydrog4  hydrog ? ? A DG 2  N1 ? ? ? 1_555 B DC 9  N3 ? ? A DG 2  B DC 19 1_555 ? ? ? ? ? ? WATSON-CRICK ? ? ? 
hydrog5  hydrog ? ? A DG 2  N2 ? ? ? 1_555 B DC 9  O2 ? ? A DG 2  B DC 19 1_555 ? ? ? ? ? ? WATSON-CRICK ? ? ? 
hydrog6  hydrog ? ? A DG 2  O6 ? ? ? 1_555 B DC 9  N4 ? ? A DG 2  B DC 19 1_555 ? ? ? ? ? ? WATSON-CRICK ? ? ? 
hydrog7  hydrog ? ? A DT 3  N3 ? ? ? 1_555 B DA 8  N1 ? ? A DT 3  B DA 18 1_555 ? ? ? ? ? ? WATSON-CRICK ? ? ? 
hydrog8  hydrog ? ? A DT 3  O4 ? ? ? 1_555 B DA 8  N6 ? ? A DT 3  B DA 18 1_555 ? ? ? ? ? ? WATSON-CRICK ? ? ? 
hydrog9  hydrog ? ? A DT 4  N3 ? ? ? 1_555 B DA 7  N1 ? ? A DT 4  B DA 17 1_555 ? ? ? ? ? ? WATSON-CRICK ? ? ? 
hydrog10 hydrog ? ? A DT 4  O4 ? ? ? 1_555 B DA 7  N6 ? ? A DT 4  B DA 17 1_555 ? ? ? ? ? ? WATSON-CRICK ? ? ? 
hydrog11 hydrog ? ? A DT 5  N3 ? ? ? 1_555 B DA 6  N1 ? ? A DT 5  B DA 16 1_555 ? ? ? ? ? ? WATSON-CRICK ? ? ? 
hydrog12 hydrog ? ? A DT 5  O4 ? ? ? 1_555 B DA 6  N6 ? ? A DT 5  B DA 16 1_555 ? ? ? ? ? ? WATSON-CRICK ? ? ? 
hydrog13 hydrog ? ? A DT 6  N3 ? ? ? 1_555 B DA 5  N1 ? ? A DT 6  B DA 15 1_555 ? ? ? ? ? ? WATSON-CRICK ? ? ? 
hydrog14 hydrog ? ? A DT 6  O4 ? ? ? 1_555 B DA 5  N6 ? ? A DT 6  B DA 15 1_555 ? ? ? ? ? ? WATSON-CRICK ? ? ? 
hydrog15 hydrog ? ? A DT 7  N3 ? ? ? 1_555 B DA 4  N1 ? ? A DT 7  B DA 14 1_555 ? ? ? ? ? ? WATSON-CRICK ? ? ? 
hydrog16 hydrog ? ? A DT 7  O4 ? ? ? 1_555 B DA 4  N6 ? ? A DT 7  B DA 14 1_555 ? ? ? ? ? ? WATSON-CRICK ? ? ? 
hydrog17 hydrog ? ? A DA 8  N1 ? ? ? 1_555 B DT 3  N3 ? ? A DA 8  B DT 13 1_555 ? ? ? ? ? ? WATSON-CRICK ? ? ? 
hydrog18 hydrog ? ? A DA 8  N6 ? ? ? 1_555 B DT 3  O4 ? ? A DA 8  B DT 13 1_555 ? ? ? ? ? ? WATSON-CRICK ? ? ? 
hydrog19 hydrog ? ? A DC 9  N3 ? ? ? 1_555 B DG 2  N1 ? ? A DC 9  B DG 12 1_555 ? ? ? ? ? ? WATSON-CRICK ? ? ? 
hydrog20 hydrog ? ? A DC 9  N4 ? ? ? 1_555 B DG 2  O6 ? ? A DC 9  B DG 12 1_555 ? ? ? ? ? ? WATSON-CRICK ? ? ? 
hydrog21 hydrog ? ? A DC 9  O2 ? ? ? 1_555 B DG 2  N2 ? ? A DC 9  B DG 12 1_555 ? ? ? ? ? ? WATSON-CRICK ? ? ? 
hydrog22 hydrog ? ? A DG 10 N1 ? ? ? 1_555 B DC 1  N3 ? ? A DG 10 B DC 11 1_555 ? ? ? ? ? ? WATSON-CRICK ? ? ? 
hydrog23 hydrog ? ? A DG 10 N2 ? ? ? 1_555 B DC 1  O2 ? ? A DG 10 B DC 11 1_555 ? ? ? ? ? ? WATSON-CRICK ? ? ? 
hydrog24 hydrog ? ? A DG 10 O6 ? ? ? 1_555 B DC 1  N4 ? ? A DG 10 B DC 11 1_555 ? ? ? ? ? ? WATSON-CRICK ? ? ? 
# 
_struct_conn_type.id          hydrog 
_struct_conn_type.criteria    ? 
_struct_conn_type.reference   ? 
# 
_struct_site.id                   AC1 
_struct_site.pdbx_evidence_code   Software 
_struct_site.pdbx_auth_asym_id    B 
_struct_site.pdbx_auth_comp_id    BIZ 
_struct_site.pdbx_auth_seq_id     21 
_struct_site.pdbx_auth_ins_code   ? 
_struct_site.pdbx_num_residues    10 
_struct_site.details              'BINDING SITE FOR RESIDUE BIZ B 21' 
# 
loop_
_struct_site_gen.id 
_struct_site_gen.site_id 
_struct_site_gen.pdbx_num_res 
_struct_site_gen.label_comp_id 
_struct_site_gen.label_asym_id 
_struct_site_gen.label_seq_id 
_struct_site_gen.pdbx_auth_ins_code 
_struct_site_gen.auth_comp_id 
_struct_site_gen.auth_asym_id 
_struct_site_gen.auth_seq_id 
_struct_site_gen.label_atom_id 
_struct_site_gen.label_alt_id 
_struct_site_gen.symmetry 
_struct_site_gen.details 
1  AC1 10 DT A 4 ? DT A 4  . ? 1_555 ? 
2  AC1 10 DT A 7 ? DT A 7  . ? 1_555 ? 
3  AC1 10 DA A 8 ? DA A 8  . ? 1_555 ? 
4  AC1 10 DC A 9 ? DC A 9  . ? 1_555 ? 
5  AC1 10 DT B 3 ? DT B 13 . ? 1_555 ? 
6  AC1 10 DA B 4 ? DA B 14 . ? 1_555 ? 
7  AC1 10 DA B 6 ? DA B 16 . ? 1_555 ? 
8  AC1 10 DA B 7 ? DA B 17 . ? 1_555 ? 
9  AC1 10 DA B 8 ? DA B 18 . ? 1_555 ? 
10 AC1 10 DC B 9 ? DC B 19 . ? 1_555 ? 
# 
loop_
_pdbx_validate_close_contact.id 
_pdbx_validate_close_contact.PDB_model_num 
_pdbx_validate_close_contact.auth_atom_id_1 
_pdbx_validate_close_contact.auth_asym_id_1 
_pdbx_validate_close_contact.auth_comp_id_1 
_pdbx_validate_close_contact.auth_seq_id_1 
_pdbx_validate_close_contact.PDB_ins_code_1 
_pdbx_validate_close_contact.label_alt_id_1 
_pdbx_validate_close_contact.auth_atom_id_2 
_pdbx_validate_close_contact.auth_asym_id_2 
_pdbx_validate_close_contact.auth_comp_id_2 
_pdbx_validate_close_contact.auth_seq_id_2 
_pdbx_validate_close_contact.PDB_ins_code_2 
_pdbx_validate_close_contact.label_alt_id_2 
_pdbx_validate_close_contact.dist 
1 1 N3 B DA 18 ? ? "CI'" B BIZ 21 ? ? 1.46 
2 1 N3 A DA 8  ? ? C18   B BIZ 21 ? ? 1.46 
# 
loop_
_pdbx_validate_rmsd_bond.id 
_pdbx_validate_rmsd_bond.PDB_model_num 
_pdbx_validate_rmsd_bond.auth_atom_id_1 
_pdbx_validate_rmsd_bond.auth_asym_id_1 
_pdbx_validate_rmsd_bond.auth_comp_id_1 
_pdbx_validate_rmsd_bond.auth_seq_id_1 
_pdbx_validate_rmsd_bond.PDB_ins_code_1 
_pdbx_validate_rmsd_bond.label_alt_id_1 
_pdbx_validate_rmsd_bond.auth_atom_id_2 
_pdbx_validate_rmsd_bond.auth_asym_id_2 
_pdbx_validate_rmsd_bond.auth_comp_id_2 
_pdbx_validate_rmsd_bond.auth_seq_id_2 
_pdbx_validate_rmsd_bond.PDB_ins_code_2 
_pdbx_validate_rmsd_bond.label_alt_id_2 
_pdbx_validate_rmsd_bond.bond_value 
_pdbx_validate_rmsd_bond.bond_target_value 
_pdbx_validate_rmsd_bond.bond_deviation 
_pdbx_validate_rmsd_bond.bond_standard_deviation 
_pdbx_validate_rmsd_bond.linker_flag 
1  1 "O5'" A DC 1  ? ? "C5'" A DC 1  ? ? 0.923 1.418 -0.495 0.025 N 
2  1 "C5'" A DC 1  ? ? "C4'" A DC 1  ? ? 1.338 1.509 -0.171 0.011 N 
3  1 "C4'" A DC 1  ? ? "C3'" A DC 1  ? ? 1.402 1.521 -0.119 0.010 N 
4  1 "C3'" A DC 1  ? ? "C2'" A DC 1  ? ? 1.446 1.516 -0.070 0.008 N 
5  1 "C2'" A DC 1  ? ? "C1'" A DC 1  ? ? 1.415 1.518 -0.103 0.010 N 
6  1 "O4'" A DC 1  ? ? "C1'" A DC 1  ? ? 1.325 1.418 -0.093 0.012 N 
7  1 "O4'" A DC 1  ? ? "C4'" A DC 1  ? ? 1.286 1.446 -0.160 0.010 N 
8  1 "O3'" A DC 1  ? ? "C3'" A DC 1  ? ? 1.294 1.419 -0.125 0.006 N 
9  1 C2    A DC 1  ? ? O2    A DC 1  ? ? 1.169 1.240 -0.071 0.009 N 
10 1 N1    A DC 1  ? ? C2    A DC 1  ? ? 1.322 1.397 -0.075 0.010 N 
11 1 N1    A DC 1  ? ? C6    A DC 1  ? ? 1.296 1.367 -0.071 0.006 N 
12 1 N3    A DC 1  ? ? C4    A DC 1  ? ? 1.271 1.335 -0.064 0.007 N 
13 1 C4    A DC 1  ? ? C5    A DC 1  ? ? 1.364 1.425 -0.061 0.008 N 
14 1 "O3'" A DC 1  ? ? P     A DG 2  ? ? 1.470 1.607 -0.137 0.012 Y 
15 1 P     A DG 2  ? ? OP1   A DG 2  ? ? 1.273 1.485 -0.212 0.017 N 
16 1 P     A DG 2  ? ? OP2   A DG 2  ? ? 1.244 1.485 -0.241 0.017 N 
17 1 P     A DG 2  ? ? "O5'" A DG 2  ? ? 1.487 1.593 -0.106 0.010 N 
18 1 "O5'" A DG 2  ? ? "C5'" A DG 2  ? ? 1.258 1.418 -0.160 0.025 N 
19 1 "C5'" A DG 2  ? ? "C4'" A DG 2  ? ? 1.422 1.509 -0.087 0.011 N 
20 1 "O4'" A DG 2  ? ? "C4'" A DG 2  ? ? 1.356 1.446 -0.090 0.010 N 
21 1 "O3'" A DG 2  ? ? "C3'" A DG 2  ? ? 1.366 1.419 -0.053 0.006 N 
22 1 "C3'" A DT 3  ? ? "C2'" A DT 3  ? ? 1.462 1.516 -0.054 0.008 N 
23 1 "O4'" A DT 3  ? ? "C4'" A DT 3  ? ? 1.383 1.446 -0.063 0.010 N 
24 1 "O3'" A DT 3  ? ? "C3'" A DT 3  ? ? 1.367 1.419 -0.052 0.006 N 
25 1 "C3'" A DT 4  ? ? "C2'" A DT 4  ? ? 1.432 1.516 -0.084 0.008 N 
26 1 "O4'" A DT 4  ? ? "C4'" A DT 4  ? ? 1.368 1.446 -0.078 0.010 N 
27 1 "O3'" A DT 4  ? ? "C3'" A DT 4  ? ? 1.320 1.419 -0.099 0.006 N 
28 1 P     A DT 5  ? ? OP1   A DT 5  ? ? 1.376 1.485 -0.109 0.017 N 
29 1 P     A DT 5  ? ? OP2   A DT 5  ? ? 1.374 1.485 -0.111 0.017 N 
30 1 "O4'" A DT 5  ? ? "C4'" A DT 5  ? ? 1.377 1.446 -0.069 0.010 N 
31 1 "O4'" A DT 7  ? ? "C4'" A DT 7  ? ? 1.384 1.446 -0.062 0.010 N 
32 1 "O3'" A DA 8  ? ? "C3'" A DA 8  ? ? 1.382 1.419 -0.037 0.006 N 
33 1 C2    A DA 8  ? ? N3    A DA 8  ? ? 1.491 1.331 0.160  0.009 N 
34 1 "O3'" A DA 8  ? ? P     A DC 9  ? ? 1.476 1.607 -0.131 0.012 Y 
35 1 P     A DC 9  ? ? OP1   A DC 9  ? ? 1.348 1.485 -0.137 0.017 N 
36 1 "O4'" A DC 9  ? ? "C4'" A DC 9  ? ? 1.381 1.446 -0.065 0.010 N 
37 1 "O4'" A DG 10 ? ? "C4'" A DG 10 ? ? 1.380 1.446 -0.066 0.010 N 
38 1 "O3'" A DG 10 ? ? "C3'" A DG 10 ? ? 1.349 1.419 -0.070 0.006 N 
39 1 "O5'" B DC 11 ? ? "C5'" B DC 11 ? ? 0.984 1.418 -0.434 0.025 N 
40 1 "C5'" B DC 11 ? ? "C4'" B DC 11 ? ? 1.437 1.509 -0.072 0.011 N 
41 1 "O4'" B DC 11 ? ? "C4'" B DC 11 ? ? 1.335 1.446 -0.111 0.010 N 
42 1 "O3'" B DC 11 ? ? "C3'" B DC 11 ? ? 1.360 1.419 -0.059 0.006 N 
43 1 N1    B DC 11 ? ? C2    B DC 11 ? ? 1.335 1.397 -0.062 0.010 N 
44 1 N1    B DC 11 ? ? C6    B DC 11 ? ? 1.319 1.367 -0.048 0.006 N 
45 1 "O4'" B DG 12 ? ? "C4'" B DG 12 ? ? 1.373 1.446 -0.073 0.010 N 
46 1 "O3'" B DG 12 ? ? "C3'" B DG 12 ? ? 1.383 1.419 -0.036 0.006 N 
47 1 "O3'" B DT 13 ? ? "C3'" B DT 13 ? ? 1.375 1.419 -0.044 0.006 N 
48 1 "O3'" B DA 14 ? ? "C3'" B DA 14 ? ? 1.368 1.419 -0.051 0.006 N 
49 1 P     B DA 15 ? ? OP1   B DA 15 ? ? 1.343 1.485 -0.142 0.017 N 
50 1 P     B DA 15 ? ? OP2   B DA 15 ? ? 1.358 1.485 -0.127 0.017 N 
51 1 P     B DA 15 ? ? "O5'" B DA 15 ? ? 1.499 1.593 -0.094 0.010 N 
52 1 "C3'" B DA 15 ? ? "C2'" B DA 15 ? ? 1.463 1.516 -0.053 0.008 N 
53 1 "O3'" B DA 15 ? ? "C3'" B DA 15 ? ? 1.368 1.419 -0.051 0.006 N 
54 1 "O3'" B DA 16 ? ? "C3'" B DA 16 ? ? 1.368 1.419 -0.051 0.006 N 
55 1 "O3'" B DA 16 ? ? P     B DA 17 ? ? 1.434 1.607 -0.173 0.012 Y 
56 1 P     B DA 17 ? ? OP1   B DA 17 ? ? 1.333 1.485 -0.152 0.017 N 
57 1 "O4'" B DA 17 ? ? "C4'" B DA 17 ? ? 1.371 1.446 -0.075 0.010 N 
58 1 "O3'" B DA 17 ? ? "C3'" B DA 17 ? ? 1.364 1.419 -0.055 0.006 N 
59 1 "O4'" B DA 18 ? ? "C4'" B DA 18 ? ? 1.380 1.446 -0.066 0.010 N 
60 1 C2    B DA 18 ? ? N3    B DA 18 ? ? 1.489 1.331 0.158  0.009 N 
61 1 "O3'" B DC 19 ? ? "C3'" B DC 19 ? ? 1.333 1.419 -0.086 0.006 N 
62 1 "C4'" B DG 20 ? ? "C3'" B DG 20 ? ? 1.421 1.521 -0.100 0.010 N 
63 1 "C3'" B DG 20 ? ? "C2'" B DG 20 ? ? 1.329 1.516 -0.187 0.008 N 
64 1 "C2'" B DG 20 ? ? "C1'" B DG 20 ? ? 1.442 1.518 -0.076 0.010 N 
65 1 "O4'" B DG 20 ? ? "C4'" B DG 20 ? ? 1.296 1.446 -0.150 0.010 N 
66 1 "O3'" B DG 20 ? ? "C3'" B DG 20 ? ? 1.171 1.419 -0.248 0.006 N 
67 1 C4    B DG 20 ? ? C5    B DG 20 ? ? 1.331 1.379 -0.048 0.007 N 
68 1 N7    B DG 20 ? ? C8    B DG 20 ? ? 1.265 1.305 -0.040 0.006 N 
# 
loop_
_pdbx_validate_rmsd_angle.id 
_pdbx_validate_rmsd_angle.PDB_model_num 
_pdbx_validate_rmsd_angle.auth_atom_id_1 
_pdbx_validate_rmsd_angle.auth_asym_id_1 
_pdbx_validate_rmsd_angle.auth_comp_id_1 
_pdbx_validate_rmsd_angle.auth_seq_id_1 
_pdbx_validate_rmsd_angle.PDB_ins_code_1 
_pdbx_validate_rmsd_angle.label_alt_id_1 
_pdbx_validate_rmsd_angle.auth_atom_id_2 
_pdbx_validate_rmsd_angle.auth_asym_id_2 
_pdbx_validate_rmsd_angle.auth_comp_id_2 
_pdbx_validate_rmsd_angle.auth_seq_id_2 
_pdbx_validate_rmsd_angle.PDB_ins_code_2 
_pdbx_validate_rmsd_angle.label_alt_id_2 
_pdbx_validate_rmsd_angle.auth_atom_id_3 
_pdbx_validate_rmsd_angle.auth_asym_id_3 
_pdbx_validate_rmsd_angle.auth_comp_id_3 
_pdbx_validate_rmsd_angle.auth_seq_id_3 
_pdbx_validate_rmsd_angle.PDB_ins_code_3 
_pdbx_validate_rmsd_angle.label_alt_id_3 
_pdbx_validate_rmsd_angle.angle_value 
_pdbx_validate_rmsd_angle.angle_target_value 
_pdbx_validate_rmsd_angle.angle_deviation 
_pdbx_validate_rmsd_angle.angle_standard_deviation 
_pdbx_validate_rmsd_angle.linker_flag 
1  1 "O5'" A DC 1  ? ? "C5'" A DC 1  ? ? "C4'" A DC 1  ? ? 132.57 111.00 21.57 2.50 N 
2  1 "O4'" A DC 1  ? ? "C1'" A DC 1  ? ? N1    A DC 1  ? ? 113.82 108.30 5.52  0.30 N 
3  1 "O4'" A DG 2  ? ? "C1'" A DG 2  ? ? N9    A DG 2  ? ? 112.36 108.30 4.06  0.30 N 
4  1 "O4'" A DT 3  ? ? "C1'" A DT 3  ? ? N1    A DT 3  ? ? 113.04 108.30 4.74  0.30 N 
5  1 "O4'" A DT 4  ? ? "C1'" A DT 4  ? ? N1    A DT 4  ? ? 112.16 108.30 3.86  0.30 N 
6  1 "O4'" A DT 5  ? ? "C1'" A DT 5  ? ? N1    A DT 5  ? ? 111.29 108.30 2.99  0.30 N 
7  1 "O4'" A DT 6  ? ? "C1'" A DT 6  ? ? N1    A DT 6  ? ? 114.04 108.30 5.74  0.30 N 
8  1 "O4'" A DT 7  ? ? "C1'" A DT 7  ? ? N1    A DT 7  ? ? 111.18 108.30 2.88  0.30 N 
9  1 "O4'" A DA 8  ? ? "C1'" A DA 8  ? ? "C2'" A DA 8  ? ? 98.81  105.90 -7.09 0.80 N 
10 1 "O4'" A DA 8  ? ? "C1'" A DA 8  ? ? N9    A DA 8  ? ? 120.49 108.30 12.19 0.30 N 
11 1 N1    A DA 8  ? ? C2    A DA 8  ? ? N3    A DA 8  ? ? 123.49 129.30 -5.81 0.50 N 
12 1 C2    A DA 8  ? ? N3    A DA 8  ? ? C4    A DA 8  ? ? 115.51 110.60 4.91  0.50 N 
13 1 N3    A DA 8  ? ? C4    A DA 8  ? ? C5    A DA 8  ? ? 118.37 126.80 -8.43 0.70 N 
14 1 C4    A DA 8  ? ? C5    A DA 8  ? ? C6    A DA 8  ? ? 123.23 117.00 6.23  0.50 N 
15 1 N3    A DA 8  ? ? C4    A DA 8  ? ? N9    A DA 8  ? ? 134.40 127.40 7.00  0.80 N 
16 1 "C3'" A DA 8  ? ? "O3'" A DA 8  ? ? P     A DC 9  ? ? 129.15 119.70 9.45  1.20 Y 
17 1 "O4'" A DG 10 ? ? "C1'" A DG 10 ? ? N9    A DG 10 ? ? 111.45 108.30 3.15  0.30 N 
18 1 "O4'" B DC 11 ? ? "C1'" B DC 11 ? ? N1    B DC 11 ? ? 110.90 108.30 2.60  0.30 N 
19 1 "O4'" B DT 13 ? ? "C1'" B DT 13 ? ? N1    B DT 13 ? ? 113.58 108.30 5.28  0.30 N 
20 1 "O4'" B DA 14 ? ? "C1'" B DA 14 ? ? "C2'" B DA 14 ? ? 100.77 105.90 -5.13 0.80 N 
21 1 "O4'" B DA 14 ? ? "C1'" B DA 14 ? ? N9    B DA 14 ? ? 112.91 108.30 4.61  0.30 N 
22 1 "O4'" B DA 15 ? ? "C1'" B DA 15 ? ? N9    B DA 15 ? ? 113.57 108.30 5.27  0.30 N 
23 1 "O4'" B DA 16 ? ? "C1'" B DA 16 ? ? "C2'" B DA 16 ? ? 99.77  105.90 -6.13 0.80 N 
24 1 "O4'" B DA 16 ? ? "C1'" B DA 16 ? ? N9    B DA 16 ? ? 112.82 108.30 4.52  0.30 N 
25 1 "C3'" B DA 16 ? ? "O3'" B DA 16 ? ? P     B DA 17 ? ? 133.68 119.70 13.98 1.20 Y 
26 1 "O4'" B DA 17 ? ? "C1'" B DA 17 ? ? N9    B DA 17 ? ? 112.69 108.30 4.39  0.30 N 
27 1 "O4'" B DA 18 ? ? "C4'" B DA 18 ? ? "C3'" B DA 18 ? ? 109.90 106.00 3.90  0.60 N 
28 1 N1    B DA 18 ? ? C2    B DA 18 ? ? N3    B DA 18 ? ? 123.03 129.30 -6.27 0.50 N 
29 1 C2    B DA 18 ? ? N3    B DA 18 ? ? C4    B DA 18 ? ? 116.53 110.60 5.93  0.50 N 
30 1 N3    B DA 18 ? ? C4    B DA 18 ? ? C5    B DA 18 ? ? 117.71 126.80 -9.09 0.70 N 
31 1 C4    B DA 18 ? ? C5    B DA 18 ? ? C6    B DA 18 ? ? 123.32 117.00 6.32  0.50 N 
32 1 C5    B DA 18 ? ? C6    B DA 18 ? ? N1    B DA 18 ? ? 120.75 117.70 3.05  0.50 N 
33 1 N3    B DA 18 ? ? C4    B DA 18 ? ? N9    B DA 18 ? ? 134.54 127.40 7.14  0.80 N 
34 1 C6    B DA 18 ? ? C5    B DA 18 ? ? N7    B DA 18 ? ? 128.01 132.30 -4.29 0.70 N 
35 1 "O4'" B DC 19 ? ? "C1'" B DC 19 ? ? N1    B DC 19 ? ? 110.52 108.30 2.22  0.30 N 
36 1 "C4'" B DG 20 ? ? "C3'" B DG 20 ? ? "C2'" B DG 20 ? ? 110.97 103.10 7.87  0.90 N 
# 
loop_
_pdbx_validate_planes.id 
_pdbx_validate_planes.PDB_model_num 
_pdbx_validate_planes.auth_comp_id 
_pdbx_validate_planes.auth_asym_id 
_pdbx_validate_planes.auth_seq_id 
_pdbx_validate_planes.PDB_ins_code 
_pdbx_validate_planes.label_alt_id 
_pdbx_validate_planes.rmsd 
_pdbx_validate_planes.type 
1 1 DT A 4  ? ? 0.062 'SIDE CHAIN' 
2 1 DT A 6  ? ? 0.065 'SIDE CHAIN' 
3 1 DA A 8  ? ? 0.084 'SIDE CHAIN' 
4 1 DC A 9  ? ? 0.100 'SIDE CHAIN' 
5 1 DG A 10 ? ? 0.071 'SIDE CHAIN' 
6 1 DA B 18 ? ? 0.058 'SIDE CHAIN' 
# 
_pdbx_nmr_ensemble.entry_id                                      226D 
_pdbx_nmr_ensemble.conformers_calculated_total_number            ? 
_pdbx_nmr_ensemble.conformers_submitted_total_number             1 
_pdbx_nmr_ensemble.conformer_selection_criteria                  ? 
_pdbx_nmr_ensemble.average_constraints_per_residue               ? 
_pdbx_nmr_ensemble.average_constraint_violations_per_residue     ? 
_pdbx_nmr_ensemble.maximum_distance_constraint_violation         ? 
_pdbx_nmr_ensemble.average_distance_constraint_violation         ? 
_pdbx_nmr_ensemble.maximum_upper_distance_constraint_violation   ? 
_pdbx_nmr_ensemble.maximum_lower_distance_constraint_violation   ? 
_pdbx_nmr_ensemble.distance_constraint_violation_method          ? 
_pdbx_nmr_ensemble.maximum_torsion_angle_constraint_violation    ? 
_pdbx_nmr_ensemble.average_torsion_angle_constraint_violation    ? 
_pdbx_nmr_ensemble.torsion_angle_constraint_violation_method     ? 
# 
_pdbx_nmr_refine.entry_id           226D 
_pdbx_nmr_refine.method             'RESTRAINED MOLECULAR MECHANICS, MOLECULAR DYNAMICS' 
_pdbx_nmr_refine.details            
;THE STRUCTURE WAS REFINED USING A COMBINATION OF RESTRAINED MOLECULAR MECHANICS AND DYNAMICS USING THE AMBER 4.0 PROGRAM (UCSF). DISTANCE RESTRAINTS WERE CALCULATED USING MARDIGRAS FROM NUCLEAR OVERHAUSER EFFECT SPECTRA AT VARIOUS MIXING TIMES.
;
_pdbx_nmr_refine.software_ordinal   1 
# 
loop_
_pdbx_nmr_software.name 
_pdbx_nmr_software.version 
_pdbx_nmr_software.classification 
_pdbx_nmr_software.authors 
_pdbx_nmr_software.ordinal 
Amber     4 refinement ? 1 
MARDIGRAS ? refinement ? 2 
# 
loop_
_chem_comp_atom.comp_id 
_chem_comp_atom.atom_id 
_chem_comp_atom.type_symbol 
_chem_comp_atom.pdbx_aromatic_flag 
_chem_comp_atom.pdbx_stereo_config 
_chem_comp_atom.pdbx_ordinal 
BIZ C      C N N 1   
BIZ O      O N N 2   
BIZ N1     N N N 3   
BIZ C2     C Y N 4   
BIZ C3     C Y N 5   
BIZ C4     C Y N 6   
BIZ C5     C Y N 7   
BIZ C6     C Y N 8   
BIZ C7     C Y N 9   
BIZ N8     N Y N 10  
BIZ C9     C Y N 11  
BIZ C10    C Y N 12  
BIZ C11    C N N 13  
BIZ O12    O N N 14  
BIZ N13    N N N 15  
BIZ C14    C N N 16  
BIZ C15    C N S 17  
BIZ C16    C Y N 18  
BIZ C17    C Y N 19  
BIZ C18    C N N 20  
BIZ C19    C Y N 21  
BIZ C20    C Y N 22  
BIZ O21    O N N 23  
BIZ C22    C Y N 24  
BIZ C23    C Y N 25  
BIZ C24    C Y N 26  
BIZ C25    C Y N 27  
BIZ C26    C N N 28  
BIZ N27    N Y N 29  
BIZ "N1'"  N N N 30  
BIZ "C2'"  C Y N 31  
BIZ "C3'"  C Y N 32  
BIZ "C4'"  C Y N 33  
BIZ "C5'"  C Y N 34  
BIZ "C6'"  C Y N 35  
BIZ "C7'"  C Y N 36  
BIZ "N8'"  N Y N 37  
BIZ "C9'"  C Y N 38  
BIZ "CA'"  C Y N 39  
BIZ "CB'"  C N N 40  
BIZ "OC'"  O N N 41  
BIZ "ND'"  N N N 42  
BIZ "CE'"  C N N 43  
BIZ "CF'"  C N S 44  
BIZ "CG'"  C Y N 45  
BIZ "CH'"  C Y N 46  
BIZ "CI'"  C N N 47  
BIZ "CJ'"  C Y N 48  
BIZ "CK'"  C Y N 49  
BIZ "OL'"  O N N 50  
BIZ "CM'"  C Y N 51  
BIZ "CN'"  C Y N 52  
BIZ "CO'"  C Y N 53  
BIZ "CP'"  C Y N 54  
BIZ "CQ'"  C N N 55  
BIZ "NR'"  N Y N 56  
BIZ HN1    H N N 57  
BIZ H3     H N N 58  
BIZ H6     H N N 59  
BIZ H7     H N N 60  
BIZ HN8    H N N 61  
BIZ H10    H N N 62  
BIZ H141   H N N 63  
BIZ H142   H N N 64  
BIZ H15    H N N 65  
BIZ H181   H N N 66  
BIZ H182   H N N 67  
BIZ H183   H N N 68  
BIZ H19    H N N 69  
BIZ HO2    H N N 70  
BIZ H25    H N N 71  
BIZ H261   H N N 72  
BIZ H262   H N N 73  
BIZ H263   H N N 74  
BIZ HN7    H N N 75  
BIZ "HN1'" H N N 76  
BIZ "H3'"  H N N 77  
BIZ "H6'"  H N N 78  
BIZ "H7'"  H N N 79  
BIZ "HN8'" H N N 80  
BIZ "H10'" H N N 81  
BIZ "H4'1" H N N 82  
BIZ "H4'2" H N N 83  
BIZ "H15'" H N N 84  
BIZ "H8'1" H N N 85  
BIZ "H8'2" H N N 86  
BIZ "H8'3" H N N 87  
BIZ "H19'" H N N 88  
BIZ "HO2'" H N N 89  
BIZ "H25'" H N N 90  
BIZ "H6'1" H N N 91  
BIZ "H6'2" H N N 92  
BIZ "H6'3" H N N 93  
BIZ "HN7'" H N N 94  
DA  OP3    O N N 95  
DA  P      P N N 96  
DA  OP1    O N N 97  
DA  OP2    O N N 98  
DA  "O5'"  O N N 99  
DA  "C5'"  C N N 100 
DA  "C4'"  C N R 101 
DA  "O4'"  O N N 102 
DA  "C3'"  C N S 103 
DA  "O3'"  O N N 104 
DA  "C2'"  C N N 105 
DA  "C1'"  C N R 106 
DA  N9     N Y N 107 
DA  C8     C Y N 108 
DA  N7     N Y N 109 
DA  C5     C Y N 110 
DA  C6     C Y N 111 
DA  N6     N N N 112 
DA  N1     N Y N 113 
DA  C2     C Y N 114 
DA  N3     N Y N 115 
DA  C4     C Y N 116 
DA  HOP3   H N N 117 
DA  HOP2   H N N 118 
DA  "H5'"  H N N 119 
DA  "H5''" H N N 120 
DA  "H4'"  H N N 121 
DA  "H3'"  H N N 122 
DA  "HO3'" H N N 123 
DA  "H2'"  H N N 124 
DA  "H2''" H N N 125 
DA  "H1'"  H N N 126 
DA  H8     H N N 127 
DA  H61    H N N 128 
DA  H62    H N N 129 
DA  H2     H N N 130 
DC  OP3    O N N 131 
DC  P      P N N 132 
DC  OP1    O N N 133 
DC  OP2    O N N 134 
DC  "O5'"  O N N 135 
DC  "C5'"  C N N 136 
DC  "C4'"  C N R 137 
DC  "O4'"  O N N 138 
DC  "C3'"  C N S 139 
DC  "O3'"  O N N 140 
DC  "C2'"  C N N 141 
DC  "C1'"  C N R 142 
DC  N1     N N N 143 
DC  C2     C N N 144 
DC  O2     O N N 145 
DC  N3     N N N 146 
DC  C4     C N N 147 
DC  N4     N N N 148 
DC  C5     C N N 149 
DC  C6     C N N 150 
DC  HOP3   H N N 151 
DC  HOP2   H N N 152 
DC  "H5'"  H N N 153 
DC  "H5''" H N N 154 
DC  "H4'"  H N N 155 
DC  "H3'"  H N N 156 
DC  "HO3'" H N N 157 
DC  "H2'"  H N N 158 
DC  "H2''" H N N 159 
DC  "H1'"  H N N 160 
DC  H41    H N N 161 
DC  H42    H N N 162 
DC  H5     H N N 163 
DC  H6     H N N 164 
DG  OP3    O N N 165 
DG  P      P N N 166 
DG  OP1    O N N 167 
DG  OP2    O N N 168 
DG  "O5'"  O N N 169 
DG  "C5'"  C N N 170 
DG  "C4'"  C N R 171 
DG  "O4'"  O N N 172 
DG  "C3'"  C N S 173 
DG  "O3'"  O N N 174 
DG  "C2'"  C N N 175 
DG  "C1'"  C N R 176 
DG  N9     N Y N 177 
DG  C8     C Y N 178 
DG  N7     N Y N 179 
DG  C5     C Y N 180 
DG  C6     C N N 181 
DG  O6     O N N 182 
DG  N1     N N N 183 
DG  C2     C N N 184 
DG  N2     N N N 185 
DG  N3     N N N 186 
DG  C4     C Y N 187 
DG  HOP3   H N N 188 
DG  HOP2   H N N 189 
DG  "H5'"  H N N 190 
DG  "H5''" H N N 191 
DG  "H4'"  H N N 192 
DG  "H3'"  H N N 193 
DG  "HO3'" H N N 194 
DG  "H2'"  H N N 195 
DG  "H2''" H N N 196 
DG  "H1'"  H N N 197 
DG  H8     H N N 198 
DG  H1     H N N 199 
DG  H21    H N N 200 
DG  H22    H N N 201 
DT  OP3    O N N 202 
DT  P      P N N 203 
DT  OP1    O N N 204 
DT  OP2    O N N 205 
DT  "O5'"  O N N 206 
DT  "C5'"  C N N 207 
DT  "C4'"  C N R 208 
DT  "O4'"  O N N 209 
DT  "C3'"  C N S 210 
DT  "O3'"  O N N 211 
DT  "C2'"  C N N 212 
DT  "C1'"  C N R 213 
DT  N1     N N N 214 
DT  C2     C N N 215 
DT  O2     O N N 216 
DT  N3     N N N 217 
DT  C4     C N N 218 
DT  O4     O N N 219 
DT  C5     C N N 220 
DT  C7     C N N 221 
DT  C6     C N N 222 
DT  HOP3   H N N 223 
DT  HOP2   H N N 224 
DT  "H5'"  H N N 225 
DT  "H5''" H N N 226 
DT  "H4'"  H N N 227 
DT  "H3'"  H N N 228 
DT  "HO3'" H N N 229 
DT  "H2'"  H N N 230 
DT  "H2''" H N N 231 
DT  "H1'"  H N N 232 
DT  H3     H N N 233 
DT  H71    H N N 234 
DT  H72    H N N 235 
DT  H73    H N N 236 
DT  H6     H N N 237 
# 
loop_
_chem_comp_bond.comp_id 
_chem_comp_bond.atom_id_1 
_chem_comp_bond.atom_id_2 
_chem_comp_bond.value_order 
_chem_comp_bond.pdbx_aromatic_flag 
_chem_comp_bond.pdbx_stereo_config 
_chem_comp_bond.pdbx_ordinal 
BIZ C     O      doub N N 1   
BIZ C     N1     sing N N 2   
BIZ C     "N1'"  sing N N 3   
BIZ N1    C2     sing N N 4   
BIZ N1    HN1    sing N N 5   
BIZ C2    C3     doub Y N 6   
BIZ C2    C7     sing Y N 7   
BIZ C3    C4     sing Y N 8   
BIZ C3    H3     sing N N 9   
BIZ C4    C5     doub Y N 10  
BIZ C4    C10    sing Y N 11  
BIZ C5    C6     sing Y N 12  
BIZ C5    N8     sing Y N 13  
BIZ C6    C7     doub Y N 14  
BIZ C6    H6     sing N N 15  
BIZ C7    H7     sing N N 16  
BIZ N8    C9     sing Y N 17  
BIZ N8    HN8    sing N N 18  
BIZ C9    C10    doub Y N 19  
BIZ C9    C11    sing N N 20  
BIZ C10   H10    sing N N 21  
BIZ C11   O12    doub N N 22  
BIZ C11   N13    sing N N 23  
BIZ N13   C14    sing N N 24  
BIZ N13   C17    sing N N 25  
BIZ C14   C15    sing N N 26  
BIZ C14   H141   sing N N 27  
BIZ C14   H142   sing N N 28  
BIZ C15   C16    sing N N 29  
BIZ C15   C18    sing N N 30  
BIZ C15   H15    sing N N 31  
BIZ C16   C17    doub Y N 32  
BIZ C16   C23    sing Y N 33  
BIZ C17   C19    sing Y N 34  
BIZ C18   H181   sing N N 35  
BIZ C18   H182   sing N N 36  
BIZ C18   H183   sing N N 37  
BIZ C19   C20    doub Y N 38  
BIZ C19   H19    sing N N 39  
BIZ C20   O21    sing N N 40  
BIZ C20   C22    sing Y N 41  
BIZ O21   HO2    sing N N 42  
BIZ C22   C23    doub Y N 43  
BIZ C22   N27    sing Y N 44  
BIZ C23   C24    sing Y N 45  
BIZ C24   C25    doub Y N 46  
BIZ C24   C26    sing N N 47  
BIZ C25   N27    sing Y N 48  
BIZ C25   H25    sing N N 49  
BIZ C26   H261   sing N N 50  
BIZ C26   H262   sing N N 51  
BIZ C26   H263   sing N N 52  
BIZ N27   HN7    sing N N 53  
BIZ "N1'" "C2'"  sing N N 54  
BIZ "N1'" "HN1'" sing N N 55  
BIZ "C2'" "C3'"  doub Y N 56  
BIZ "C2'" "C7'"  sing Y N 57  
BIZ "C3'" "C4'"  sing Y N 58  
BIZ "C3'" "H3'"  sing N N 59  
BIZ "C4'" "C5'"  doub Y N 60  
BIZ "C4'" "CA'"  sing Y N 61  
BIZ "C5'" "C6'"  sing Y N 62  
BIZ "C5'" "N8'"  sing Y N 63  
BIZ "C6'" "C7'"  doub Y N 64  
BIZ "C6'" "H6'"  sing N N 65  
BIZ "C7'" "H7'"  sing N N 66  
BIZ "N8'" "C9'"  sing Y N 67  
BIZ "N8'" "HN8'" sing N N 68  
BIZ "C9'" "CA'"  doub Y N 69  
BIZ "C9'" "CB'"  sing N N 70  
BIZ "CA'" "H10'" sing N N 71  
BIZ "CB'" "OC'"  doub N N 72  
BIZ "CB'" "ND'"  sing N N 73  
BIZ "ND'" "CE'"  sing N N 74  
BIZ "ND'" "CH'"  sing N N 75  
BIZ "CE'" "CF'"  sing N N 76  
BIZ "CE'" "H4'1" sing N N 77  
BIZ "CE'" "H4'2" sing N N 78  
BIZ "CF'" "CG'"  sing N N 79  
BIZ "CF'" "CI'"  sing N N 80  
BIZ "CF'" "H15'" sing N N 81  
BIZ "CG'" "CH'"  doub Y N 82  
BIZ "CG'" "CN'"  sing Y N 83  
BIZ "CH'" "CJ'"  sing Y N 84  
BIZ "CI'" "H8'1" sing N N 85  
BIZ "CI'" "H8'2" sing N N 86  
BIZ "CI'" "H8'3" sing N N 87  
BIZ "CJ'" "CK'"  doub Y N 88  
BIZ "CJ'" "H19'" sing N N 89  
BIZ "CK'" "OL'"  sing N N 90  
BIZ "CK'" "CM'"  sing Y N 91  
BIZ "OL'" "HO2'" sing N N 92  
BIZ "CM'" "CN'"  doub Y N 93  
BIZ "CM'" "NR'"  sing Y N 94  
BIZ "CN'" "CO'"  sing Y N 95  
BIZ "CO'" "CP'"  doub Y N 96  
BIZ "CO'" "CQ'"  sing N N 97  
BIZ "CP'" "NR'"  sing Y N 98  
BIZ "CP'" "H25'" sing N N 99  
BIZ "CQ'" "H6'1" sing N N 100 
BIZ "CQ'" "H6'2" sing N N 101 
BIZ "CQ'" "H6'3" sing N N 102 
BIZ "NR'" "HN7'" sing N N 103 
DA  OP3   P      sing N N 104 
DA  OP3   HOP3   sing N N 105 
DA  P     OP1    doub N N 106 
DA  P     OP2    sing N N 107 
DA  P     "O5'"  sing N N 108 
DA  OP2   HOP2   sing N N 109 
DA  "O5'" "C5'"  sing N N 110 
DA  "C5'" "C4'"  sing N N 111 
DA  "C5'" "H5'"  sing N N 112 
DA  "C5'" "H5''" sing N N 113 
DA  "C4'" "O4'"  sing N N 114 
DA  "C4'" "C3'"  sing N N 115 
DA  "C4'" "H4'"  sing N N 116 
DA  "O4'" "C1'"  sing N N 117 
DA  "C3'" "O3'"  sing N N 118 
DA  "C3'" "C2'"  sing N N 119 
DA  "C3'" "H3'"  sing N N 120 
DA  "O3'" "HO3'" sing N N 121 
DA  "C2'" "C1'"  sing N N 122 
DA  "C2'" "H2'"  sing N N 123 
DA  "C2'" "H2''" sing N N 124 
DA  "C1'" N9     sing N N 125 
DA  "C1'" "H1'"  sing N N 126 
DA  N9    C8     sing Y N 127 
DA  N9    C4     sing Y N 128 
DA  C8    N7     doub Y N 129 
DA  C8    H8     sing N N 130 
DA  N7    C5     sing Y N 131 
DA  C5    C6     sing Y N 132 
DA  C5    C4     doub Y N 133 
DA  C6    N6     sing N N 134 
DA  C6    N1     doub Y N 135 
DA  N6    H61    sing N N 136 
DA  N6    H62    sing N N 137 
DA  N1    C2     sing Y N 138 
DA  C2    N3     doub Y N 139 
DA  C2    H2     sing N N 140 
DA  N3    C4     sing Y N 141 
DC  OP3   P      sing N N 142 
DC  OP3   HOP3   sing N N 143 
DC  P     OP1    doub N N 144 
DC  P     OP2    sing N N 145 
DC  P     "O5'"  sing N N 146 
DC  OP2   HOP2   sing N N 147 
DC  "O5'" "C5'"  sing N N 148 
DC  "C5'" "C4'"  sing N N 149 
DC  "C5'" "H5'"  sing N N 150 
DC  "C5'" "H5''" sing N N 151 
DC  "C4'" "O4'"  sing N N 152 
DC  "C4'" "C3'"  sing N N 153 
DC  "C4'" "H4'"  sing N N 154 
DC  "O4'" "C1'"  sing N N 155 
DC  "C3'" "O3'"  sing N N 156 
DC  "C3'" "C2'"  sing N N 157 
DC  "C3'" "H3'"  sing N N 158 
DC  "O3'" "HO3'" sing N N 159 
DC  "C2'" "C1'"  sing N N 160 
DC  "C2'" "H2'"  sing N N 161 
DC  "C2'" "H2''" sing N N 162 
DC  "C1'" N1     sing N N 163 
DC  "C1'" "H1'"  sing N N 164 
DC  N1    C2     sing N N 165 
DC  N1    C6     sing N N 166 
DC  C2    O2     doub N N 167 
DC  C2    N3     sing N N 168 
DC  N3    C4     doub N N 169 
DC  C4    N4     sing N N 170 
DC  C4    C5     sing N N 171 
DC  N4    H41    sing N N 172 
DC  N4    H42    sing N N 173 
DC  C5    C6     doub N N 174 
DC  C5    H5     sing N N 175 
DC  C6    H6     sing N N 176 
DG  OP3   P      sing N N 177 
DG  OP3   HOP3   sing N N 178 
DG  P     OP1    doub N N 179 
DG  P     OP2    sing N N 180 
DG  P     "O5'"  sing N N 181 
DG  OP2   HOP2   sing N N 182 
DG  "O5'" "C5'"  sing N N 183 
DG  "C5'" "C4'"  sing N N 184 
DG  "C5'" "H5'"  sing N N 185 
DG  "C5'" "H5''" sing N N 186 
DG  "C4'" "O4'"  sing N N 187 
DG  "C4'" "C3'"  sing N N 188 
DG  "C4'" "H4'"  sing N N 189 
DG  "O4'" "C1'"  sing N N 190 
DG  "C3'" "O3'"  sing N N 191 
DG  "C3'" "C2'"  sing N N 192 
DG  "C3'" "H3'"  sing N N 193 
DG  "O3'" "HO3'" sing N N 194 
DG  "C2'" "C1'"  sing N N 195 
DG  "C2'" "H2'"  sing N N 196 
DG  "C2'" "H2''" sing N N 197 
DG  "C1'" N9     sing N N 198 
DG  "C1'" "H1'"  sing N N 199 
DG  N9    C8     sing Y N 200 
DG  N9    C4     sing Y N 201 
DG  C8    N7     doub Y N 202 
DG  C8    H8     sing N N 203 
DG  N7    C5     sing Y N 204 
DG  C5    C6     sing N N 205 
DG  C5    C4     doub Y N 206 
DG  C6    O6     doub N N 207 
DG  C6    N1     sing N N 208 
DG  N1    C2     sing N N 209 
DG  N1    H1     sing N N 210 
DG  C2    N2     sing N N 211 
DG  C2    N3     doub N N 212 
DG  N2    H21    sing N N 213 
DG  N2    H22    sing N N 214 
DG  N3    C4     sing N N 215 
DT  OP3   P      sing N N 216 
DT  OP3   HOP3   sing N N 217 
DT  P     OP1    doub N N 218 
DT  P     OP2    sing N N 219 
DT  P     "O5'"  sing N N 220 
DT  OP2   HOP2   sing N N 221 
DT  "O5'" "C5'"  sing N N 222 
DT  "C5'" "C4'"  sing N N 223 
DT  "C5'" "H5'"  sing N N 224 
DT  "C5'" "H5''" sing N N 225 
DT  "C4'" "O4'"  sing N N 226 
DT  "C4'" "C3'"  sing N N 227 
DT  "C4'" "H4'"  sing N N 228 
DT  "O4'" "C1'"  sing N N 229 
DT  "C3'" "O3'"  sing N N 230 
DT  "C3'" "C2'"  sing N N 231 
DT  "C3'" "H3'"  sing N N 232 
DT  "O3'" "HO3'" sing N N 233 
DT  "C2'" "C1'"  sing N N 234 
DT  "C2'" "H2'"  sing N N 235 
DT  "C2'" "H2''" sing N N 236 
DT  "C1'" N1     sing N N 237 
DT  "C1'" "H1'"  sing N N 238 
DT  N1    C2     sing N N 239 
DT  N1    C6     sing N N 240 
DT  C2    O2     doub N N 241 
DT  C2    N3     sing N N 242 
DT  N3    C4     sing N N 243 
DT  N3    H3     sing N N 244 
DT  C4    O4     doub N N 245 
DT  C4    C5     sing N N 246 
DT  C5    C7     sing N N 247 
DT  C5    C6     doub N N 248 
DT  C7    H71    sing N N 249 
DT  C7    H72    sing N N 250 
DT  C7    H73    sing N N 251 
DT  C6    H6     sing N N 252 
# 
loop_
_ndb_struct_conf_na.entry_id 
_ndb_struct_conf_na.feature 
226D 'double helix'        
226D 'b-form double helix' 
# 
loop_
_ndb_struct_na_base_pair.model_number 
_ndb_struct_na_base_pair.i_label_asym_id 
_ndb_struct_na_base_pair.i_label_comp_id 
_ndb_struct_na_base_pair.i_label_seq_id 
_ndb_struct_na_base_pair.i_symmetry 
_ndb_struct_na_base_pair.j_label_asym_id 
_ndb_struct_na_base_pair.j_label_comp_id 
_ndb_struct_na_base_pair.j_label_seq_id 
_ndb_struct_na_base_pair.j_symmetry 
_ndb_struct_na_base_pair.shear 
_ndb_struct_na_base_pair.stretch 
_ndb_struct_na_base_pair.stagger 
_ndb_struct_na_base_pair.buckle 
_ndb_struct_na_base_pair.propeller 
_ndb_struct_na_base_pair.opening 
_ndb_struct_na_base_pair.pair_number 
_ndb_struct_na_base_pair.pair_name 
_ndb_struct_na_base_pair.i_auth_asym_id 
_ndb_struct_na_base_pair.i_auth_seq_id 
_ndb_struct_na_base_pair.i_PDB_ins_code 
_ndb_struct_na_base_pair.j_auth_asym_id 
_ndb_struct_na_base_pair.j_auth_seq_id 
_ndb_struct_na_base_pair.j_PDB_ins_code 
_ndb_struct_na_base_pair.hbond_type_28 
_ndb_struct_na_base_pair.hbond_type_12 
1 A DC 1  1_555 B DG 10 1_555 0.127  -0.278 0.281  -5.552  -12.104 -1.877 1  A_DC1:DG20_B  A 1  ? B 20 ? 19 1 
1 A DG 2  1_555 B DC 9  1_555 -0.187 -0.210 0.055  -10.659 -15.342 -0.725 2  A_DG2:DC19_B  A 2  ? B 19 ? 19 1 
1 A DT 3  1_555 B DA 8  1_555 0.272  -0.088 0.230  -9.497  -16.375 -0.694 3  A_DT3:DA18_B  A 3  ? B 18 ? 20 1 
1 A DT 4  1_555 B DA 7  1_555 0.030  -0.064 0.187  -12.632 -21.902 -6.161 4  A_DT4:DA17_B  A 4  ? B 17 ? 20 1 
1 A DT 5  1_555 B DA 6  1_555 0.010  -0.150 -0.016 0.160   -1.336  0.583  5  A_DT5:DA16_B  A 5  ? B 16 ? 20 1 
1 A DT 6  1_555 B DA 5  1_555 0.474  -0.192 0.200  -5.148  -12.168 2.023  6  A_DT6:DA15_B  A 6  ? B 15 ? 20 1 
1 A DT 7  1_555 B DA 4  1_555 -0.100 -0.057 0.333  -8.966  -14.963 5.293  7  A_DT7:DA14_B  A 7  ? B 14 ? 20 1 
1 A DA 8  1_555 B DT 3  1_555 -0.197 -0.088 0.423  1.792   -9.563  2.326  8  A_DA8:DT13_B  A 8  ? B 13 ? 20 1 
1 A DC 9  1_555 B DG 2  1_555 0.019  -0.192 0.354  1.715   -15.826 -2.918 9  A_DC9:DG12_B  A 9  ? B 12 ? 19 1 
1 A DG 10 1_555 B DC 1  1_555 -0.019 -0.252 0.518  0.752   -17.391 -3.374 10 A_DG10:DC11_B A 10 ? B 11 ? 19 1 
# 
loop_
_ndb_struct_na_base_pair_step.model_number 
_ndb_struct_na_base_pair_step.i_label_asym_id_1 
_ndb_struct_na_base_pair_step.i_label_comp_id_1 
_ndb_struct_na_base_pair_step.i_label_seq_id_1 
_ndb_struct_na_base_pair_step.i_symmetry_1 
_ndb_struct_na_base_pair_step.j_label_asym_id_1 
_ndb_struct_na_base_pair_step.j_label_comp_id_1 
_ndb_struct_na_base_pair_step.j_label_seq_id_1 
_ndb_struct_na_base_pair_step.j_symmetry_1 
_ndb_struct_na_base_pair_step.i_label_asym_id_2 
_ndb_struct_na_base_pair_step.i_label_comp_id_2 
_ndb_struct_na_base_pair_step.i_label_seq_id_2 
_ndb_struct_na_base_pair_step.i_symmetry_2 
_ndb_struct_na_base_pair_step.j_label_asym_id_2 
_ndb_struct_na_base_pair_step.j_label_comp_id_2 
_ndb_struct_na_base_pair_step.j_label_seq_id_2 
_ndb_struct_na_base_pair_step.j_symmetry_2 
_ndb_struct_na_base_pair_step.shift 
_ndb_struct_na_base_pair_step.slide 
_ndb_struct_na_base_pair_step.rise 
_ndb_struct_na_base_pair_step.tilt 
_ndb_struct_na_base_pair_step.roll 
_ndb_struct_na_base_pair_step.twist 
_ndb_struct_na_base_pair_step.x_displacement 
_ndb_struct_na_base_pair_step.y_displacement 
_ndb_struct_na_base_pair_step.helical_rise 
_ndb_struct_na_base_pair_step.inclination 
_ndb_struct_na_base_pair_step.tip 
_ndb_struct_na_base_pair_step.helical_twist 
_ndb_struct_na_base_pair_step.step_number 
_ndb_struct_na_base_pair_step.step_name 
_ndb_struct_na_base_pair_step.i_auth_asym_id_1 
_ndb_struct_na_base_pair_step.i_auth_seq_id_1 
_ndb_struct_na_base_pair_step.i_PDB_ins_code_1 
_ndb_struct_na_base_pair_step.j_auth_asym_id_1 
_ndb_struct_na_base_pair_step.j_auth_seq_id_1 
_ndb_struct_na_base_pair_step.j_PDB_ins_code_1 
_ndb_struct_na_base_pair_step.i_auth_asym_id_2 
_ndb_struct_na_base_pair_step.i_auth_seq_id_2 
_ndb_struct_na_base_pair_step.i_PDB_ins_code_2 
_ndb_struct_na_base_pair_step.j_auth_asym_id_2 
_ndb_struct_na_base_pair_step.j_auth_seq_id_2 
_ndb_struct_na_base_pair_step.j_PDB_ins_code_2 
1 A DC 1 1_555 B DG 10 1_555 A DG 2  1_555 B DC 9 1_555 -0.010 -0.793 3.328 3.735  6.809   34.933 -2.268 0.552  3.107 11.173  
-6.128 35.759 1 AA_DC1DG2:DC19DG20_BB  A 1 ? B 20 ? A 2  ? B 19 ? 
1 A DG 2 1_555 B DC 9  1_555 A DT 3  1_555 B DA 8 1_555 0.322  -0.339 3.209 0.404  1.242   32.566 -0.817 -0.505 3.198 2.214   
-0.719 32.592 2 AA_DG2DT3:DA18DC19_BB  A 2 ? B 19 ? A 3  ? B 18 ? 
1 A DT 3 1_555 B DA 8  1_555 A DT 4  1_555 B DA 7 1_555 0.317  -0.691 3.154 5.359  2.452   37.646 -1.359 0.170  3.119 3.772   
-8.243 38.088 3 AA_DT3DT4:DA17DA18_BB  A 3 ? B 18 ? A 4  ? B 17 ? 
1 A DT 4 1_555 B DA 7  1_555 A DT 5  1_555 B DA 6 1_555 0.781  -0.053 3.176 -1.502 -10.375 34.699 1.330  -1.462 3.031 -16.923 
2.451  36.201 4 AA_DT4DT5:DA16DA17_BB  A 4 ? B 17 ? A 5  ? B 16 ? 
1 A DT 5 1_555 B DA 6  1_555 A DT 6  1_555 B DA 5 1_555 0.602  -1.682 3.395 1.717  6.359   28.613 -4.674 -0.822 2.989 12.656  
-3.416 29.346 5 AA_DT5DT6:DA15DA16_BB  A 5 ? B 16 ? A 6  ? B 15 ? 
1 A DT 6 1_555 B DA 5  1_555 A DT 7  1_555 B DA 4 1_555 -0.166 -1.546 3.193 2.209  2.258   28.671 -3.585 0.805  3.044 4.543   
-4.444 28.841 6 AA_DT6DT7:DA14DA15_BB  A 6 ? B 15 ? A 7  ? B 14 ? 
1 A DT 7 1_555 B DA 4  1_555 A DA 8  1_555 B DT 3 1_555 -0.147 -0.725 2.818 -1.840 1.477   29.557 -1.683 -0.045 2.783 2.888   
3.599  29.649 7 AA_DT7DA8:DT13DA14_BB  A 7 ? B 14 ? A 8  ? B 13 ? 
1 A DA 8 1_555 B DT 3  1_555 A DC 9  1_555 B DG 2 1_555 -1.511 -0.193 3.292 1.642  -0.863  37.600 -0.188 2.553  3.229 -1.338  
-2.545 37.644 8 AA_DA8DC9:DG12DT13_BB  A 8 ? B 13 ? A 9  ? B 12 ? 
1 A DC 9 1_555 B DG 2  1_555 A DG 10 1_555 B DC 1 1_555 0.167  -0.183 3.111 -2.346 6.030   35.717 -1.091 -0.578 3.025 9.732   
3.787  36.280 9 AA_DC9DG10:DC11DG12_BB A 9 ? B 12 ? A 10 ? B 11 ? 
# 
_atom_sites.entry_id                    226D 
_atom_sites.fract_transf_matrix[1][1]   1.000000 
_atom_sites.fract_transf_matrix[1][2]   0.000000 
_atom_sites.fract_transf_matrix[1][3]   0.000000 
_atom_sites.fract_transf_matrix[2][1]   0.000000 
_atom_sites.fract_transf_matrix[2][2]   1.000000 
_atom_sites.fract_transf_matrix[2][3]   0.000000 
_atom_sites.fract_transf_matrix[3][1]   0.000000 
_atom_sites.fract_transf_matrix[3][2]   0.000000 
_atom_sites.fract_transf_matrix[3][3]   1.000000 
_atom_sites.fract_transf_vector[1]      0.00000 
_atom_sites.fract_transf_vector[2]      0.00000 
_atom_sites.fract_transf_vector[3]      0.00000 
# 
loop_
_atom_type.symbol 
C 
N 
O 
P 
# 
loop_
_atom_site.group_PDB 
_atom_site.id 
_atom_site.type_symbol 
_atom_site.label_atom_id 
_atom_site.label_alt_id 
_atom_site.label_comp_id 
_atom_site.label_asym_id 
_atom_site.label_entity_id 
_atom_site.label_seq_id 
_atom_site.pdbx_PDB_ins_code 
_atom_site.Cartn_x 
_atom_site.Cartn_y 
_atom_site.Cartn_z 
_atom_site.occupancy 
_atom_site.B_iso_or_equiv 
_atom_site.pdbx_formal_charge 
_atom_site.auth_seq_id 
_atom_site.auth_comp_id 
_atom_site.auth_asym_id 
_atom_site.auth_atom_id 
_atom_site.pdbx_PDB_model_num 
ATOM   1   O "O5'" . DC  A 1 1  ? -15.245 2.726   8.723   1.00 0.00 ? 1  DC  A "O5'" 1 
ATOM   2   C "C5'" . DC  A 1 1  ? -15.556 3.056   7.920   1.00 0.00 ? 1  DC  A "C5'" 1 
ATOM   3   C "C4'" . DC  A 1 1  ? -15.398 4.233   7.303   1.00 0.00 ? 1  DC  A "C4'" 1 
ATOM   4   O "O4'" . DC  A 1 1  ? -14.406 4.827   7.865   1.00 0.00 ? 1  DC  A "O4'" 1 
ATOM   5   C "C3'" . DC  A 1 1  ? -15.135 4.137   5.928   1.00 0.00 ? 1  DC  A "C3'" 1 
ATOM   6   O "O3'" . DC  A 1 1  ? -15.960 4.893   5.278   1.00 0.00 ? 1  DC  A "O3'" 1 
ATOM   7   C "C2'" . DC  A 1 1  ? -13.754 4.557   5.840   1.00 0.00 ? 1  DC  A "C2'" 1 
ATOM   8   C "C1'" . DC  A 1 1  ? -13.659 5.429   6.951   1.00 0.00 ? 1  DC  A "C1'" 1 
ATOM   9   N N1    . DC  A 1 1  ? -12.316 5.672   7.372   1.00 0.00 ? 1  DC  A N1    1 
ATOM   10  C C2    . DC  A 1 1  ? -11.684 6.758   6.961   1.00 0.00 ? 1  DC  A C2    1 
ATOM   11  O O2    . DC  A 1 1  ? -12.191 7.494   6.207   1.00 0.00 ? 1  DC  A O2    1 
ATOM   12  N N3    . DC  A 1 1  ? -10.464 7.041   7.396   1.00 0.00 ? 1  DC  A N3    1 
ATOM   13  C C4    . DC  A 1 1  ? -9.855  6.241   8.175   1.00 0.00 ? 1  DC  A C4    1 
ATOM   14  N N4    . DC  A 1 1  ? -8.665  6.562   8.592   1.00 0.00 ? 1  DC  A N4    1 
ATOM   15  C C5    . DC  A 1 1  ? -10.462 5.086   8.573   1.00 0.00 ? 1  DC  A C5    1 
ATOM   16  C C6    . DC  A 1 1  ? -11.684 4.852   8.150   1.00 0.00 ? 1  DC  A C6    1 
ATOM   17  P P     . DG  A 1 2  ? -16.181 4.815   3.826   1.00 0.00 ? 2  DG  A P     1 
ATOM   18  O OP1   . DG  A 1 2  ? -17.294 5.389   3.600   1.00 0.00 ? 2  DG  A OP1   1 
ATOM   19  O OP2   . DG  A 1 2  ? -16.090 3.617   3.504   1.00 0.00 ? 2  DG  A OP2   1 
ATOM   20  O "O5'" . DG  A 1 2  ? -15.127 5.526   3.053   1.00 0.00 ? 2  DG  A "O5'" 1 
ATOM   21  C "C5'" . DG  A 1 2  ? -15.302 6.679   2.582   1.00 0.00 ? 2  DG  A "C5'" 1 
ATOM   22  C "C4'" . DG  A 1 2  ? -14.107 7.161   1.979   1.00 0.00 ? 2  DG  A "C4'" 1 
ATOM   23  O "O4'" . DG  A 1 2  ? -13.083 7.171   2.868   1.00 0.00 ? 2  DG  A "O4'" 1 
ATOM   24  C "C3'" . DG  A 1 2  ? -13.665 6.401   0.798   1.00 0.00 ? 2  DG  A "C3'" 1 
ATOM   25  O "O3'" . DG  A 1 2  ? -13.864 7.147   -0.329  1.00 0.00 ? 2  DG  A "O3'" 1 
ATOM   26  C "C2'" . DG  A 1 2  ? -12.232 6.069   1.111   1.00 0.00 ? 2  DG  A "C2'" 1 
ATOM   27  C "C1'" . DG  A 1 2  ? -11.907 7.016   2.180   1.00 0.00 ? 2  DG  A "C1'" 1 
ATOM   28  N N9    . DG  A 1 2  ? -10.825 6.546   3.033   1.00 0.00 ? 2  DG  A N9    1 
ATOM   29  C C8    . DG  A 1 2  ? -10.762 5.379   3.701   1.00 0.00 ? 2  DG  A C8    1 
ATOM   30  N N7    . DG  A 1 2  ? -9.703  5.237   4.417   1.00 0.00 ? 2  DG  A N7    1 
ATOM   31  C C5    . DG  A 1 2  ? -9.016  6.400   4.214   1.00 0.00 ? 2  DG  A C5    1 
ATOM   32  C C6    . DG  A 1 2  ? -7.788  6.817   4.737   1.00 0.00 ? 2  DG  A C6    1 
ATOM   33  O O6    . DG  A 1 2  ? -7.081  6.233   5.518   1.00 0.00 ? 2  DG  A O6    1 
ATOM   34  N N1    . DG  A 1 2  ? -7.379  8.024   4.240   1.00 0.00 ? 2  DG  A N1    1 
ATOM   35  C C2    . DG  A 1 2  ? -8.098  8.755   3.348   1.00 0.00 ? 2  DG  A C2    1 
ATOM   36  N N2    . DG  A 1 2  ? -7.583  9.889   2.924   1.00 0.00 ? 2  DG  A N2    1 
ATOM   37  N N3    . DG  A 1 2  ? -9.259  8.364   2.855   1.00 0.00 ? 2  DG  A N3    1 
ATOM   38  C C4    . DG  A 1 2  ? -9.673  7.191   3.337   1.00 0.00 ? 2  DG  A C4    1 
ATOM   39  P P     . DT  A 1 3  ? -13.554 6.641   -1.778  1.00 0.00 ? 3  DT  A P     1 
ATOM   40  O OP1   . DT  A 1 3  ? -14.386 7.361   -2.662  1.00 0.00 ? 3  DT  A OP1   1 
ATOM   41  O OP2   . DT  A 1 3  ? -13.664 5.236   -1.812  1.00 0.00 ? 3  DT  A OP2   1 
ATOM   42  O "O5'" . DT  A 1 3  ? -12.063 7.010   -2.093  1.00 0.00 ? 3  DT  A "O5'" 1 
ATOM   43  C "C5'" . DT  A 1 3  ? -11.674 8.311   -2.165  1.00 0.00 ? 3  DT  A "C5'" 1 
ATOM   44  C "C4'" . DT  A 1 3  ? -10.219 8.478   -1.890  1.00 0.00 ? 3  DT  A "C4'" 1 
ATOM   45  O "O4'" . DT  A 1 3  ? -9.863  7.890   -0.690  1.00 0.00 ? 3  DT  A "O4'" 1 
ATOM   46  C "C3'" . DT  A 1 3  ? -9.303  7.907   -2.931  1.00 0.00 ? 3  DT  A "C3'" 1 
ATOM   47  O "O3'" . DT  A 1 3  ? -9.005  8.843   -3.881  1.00 0.00 ? 3  DT  A "O3'" 1 
ATOM   48  C "C2'" . DT  A 1 3  ? -8.154  7.498   -2.123  1.00 0.00 ? 3  DT  A "C2'" 1 
ATOM   49  C "C1'" . DT  A 1 3  ? -8.486  7.768   -0.701  1.00 0.00 ? 3  DT  A "C1'" 1 
ATOM   50  N N1    . DT  A 1 3  ? -8.000  6.704   0.171   1.00 0.00 ? 3  DT  A N1    1 
ATOM   51  C C2    . DT  A 1 3  ? -6.830  6.909   0.846   1.00 0.00 ? 3  DT  A C2    1 
ATOM   52  O O2    . DT  A 1 3  ? -6.134  7.892   0.747   1.00 0.00 ? 3  DT  A O2    1 
ATOM   53  N N3    . DT  A 1 3  ? -6.439  5.909   1.696   1.00 0.00 ? 3  DT  A N3    1 
ATOM   54  C C4    . DT  A 1 3  ? -7.094  4.722   1.888   1.00 0.00 ? 3  DT  A C4    1 
ATOM   55  O O4    . DT  A 1 3  ? -6.674  3.960   2.730   1.00 0.00 ? 3  DT  A O4    1 
ATOM   56  C C5    . DT  A 1 3  ? -8.238  4.547   1.060   1.00 0.00 ? 3  DT  A C5    1 
ATOM   57  C C7    . DT  A 1 3  ? -8.981  3.259   1.102   1.00 0.00 ? 3  DT  A C7    1 
ATOM   58  C C6    . DT  A 1 3  ? -8.649  5.525   0.251   1.00 0.00 ? 3  DT  A C6    1 
ATOM   59  P P     . DT  A 1 4  ? -7.960  8.623   -5.044  1.00 0.00 ? 4  DT  A P     1 
ATOM   60  O OP1   . DT  A 1 4  ? -8.096  9.696   -5.972  1.00 0.00 ? 4  DT  A OP1   1 
ATOM   61  O OP2   . DT  A 1 4  ? -8.120  7.311   -5.565  1.00 0.00 ? 4  DT  A OP2   1 
ATOM   62  O "O5'" . DT  A 1 4  ? -6.517  8.742   -4.432  1.00 0.00 ? 4  DT  A "O5'" 1 
ATOM   63  C "C5'" . DT  A 1 4  ? -6.105  9.881   -3.856  1.00 0.00 ? 4  DT  A "C5'" 1 
ATOM   64  C "C4'" . DT  A 1 4  ? -4.877  9.694   -3.045  1.00 0.00 ? 4  DT  A "C4'" 1 
ATOM   65  O "O4'" . DT  A 1 4  ? -5.023  8.661   -2.160  1.00 0.00 ? 4  DT  A "O4'" 1 
ATOM   66  C "C3'" . DT  A 1 4  ? -3.642  9.431   -3.831  1.00 0.00 ? 4  DT  A "C3'" 1 
ATOM   67  O "O3'" . DT  A 1 4  ? -2.816  10.458  -3.755  1.00 0.00 ? 4  DT  A "O3'" 1 
ATOM   68  C "C2'" . DT  A 1 4  ? -3.094  8.251   -3.233  1.00 0.00 ? 4  DT  A "C2'" 1 
ATOM   69  C "C1'" . DT  A 1 4  ? -3.789  8.084   -1.930  1.00 0.00 ? 4  DT  A "C1'" 1 
ATOM   70  N N1    . DT  A 1 4  ? -3.905  6.699   -1.481  1.00 0.00 ? 4  DT  A N1    1 
ATOM   71  C C2    . DT  A 1 4  ? -3.136  6.266   -0.435  1.00 0.00 ? 4  DT  A C2    1 
ATOM   72  O O2    . DT  A 1 4  ? -2.276  6.941   0.087   1.00 0.00 ? 4  DT  A O2    1 
ATOM   73  N N3    . DT  A 1 4  ? -3.390  5.006   0.051   1.00 0.00 ? 4  DT  A N3    1 
ATOM   74  C C4    . DT  A 1 4  ? -4.333  4.143   -0.445  1.00 0.00 ? 4  DT  A C4    1 
ATOM   75  O O4    . DT  A 1 4  ? -4.529  3.080   0.099   1.00 0.00 ? 4  DT  A O4    1 
ATOM   76  C C5    . DT  A 1 4  ? -5.040  4.642   -1.580  1.00 0.00 ? 4  DT  A C5    1 
ATOM   77  C C7    . DT  A 1 4  ? -6.047  3.774   -2.249  1.00 0.00 ? 4  DT  A C7    1 
ATOM   78  C C6    . DT  A 1 4  ? -4.808  5.873   -2.046  1.00 0.00 ? 4  DT  A C6    1 
ATOM   79  P P     . DT  A 1 5  ? -1.503  10.615  -4.569  1.00 0.00 ? 5  DT  A P     1 
ATOM   80  O OP1   . DT  A 1 5  ? -1.139  11.941  -4.556  1.00 0.00 ? 5  DT  A OP1   1 
ATOM   81  O OP2   . DT  A 1 5  ? -1.725  10.053  -5.803  1.00 0.00 ? 5  DT  A OP2   1 
ATOM   82  O "O5'" . DT  A 1 5  ? -0.337  9.848   -3.866  1.00 0.00 ? 5  DT  A "O5'" 1 
ATOM   83  C "C5'" . DT  A 1 5  ? 0.179   10.281  -2.708  1.00 0.00 ? 5  DT  A "C5'" 1 
ATOM   84  C "C4'" . DT  A 1 5  ? 0.949   9.236   -2.013  1.00 0.00 ? 5  DT  A "C4'" 1 
ATOM   85  O "O4'" . DT  A 1 5  ? 0.132   8.149   -1.796  1.00 0.00 ? 5  DT  A "O4'" 1 
ATOM   86  C "C3'" . DT  A 1 5  ? 2.193   8.773   -2.718  1.00 0.00 ? 5  DT  A "C3'" 1 
ATOM   87  O "O3'" . DT  A 1 5  ? 3.283   9.049   -1.905  1.00 0.00 ? 5  DT  A "O3'" 1 
ATOM   88  C "C2'" . DT  A 1 5  ? 1.891   7.323   -2.922  1.00 0.00 ? 5  DT  A "C2'" 1 
ATOM   89  C "C1'" . DT  A 1 5  ? 0.932   7.016   -1.808  1.00 0.00 ? 5  DT  A "C1'" 1 
ATOM   90  N N1    . DT  A 1 5  ? 0.137   5.807   -2.010  1.00 0.00 ? 5  DT  A N1    1 
ATOM   91  C C2    . DT  A 1 5  ? 0.192   4.830   -1.060  1.00 0.00 ? 5  DT  A C2    1 
ATOM   92  O O2    . DT  A 1 5  ? 0.872   4.897   -0.064  1.00 0.00 ? 5  DT  A O2    1 
ATOM   93  N N3    . DT  A 1 5  ? -0.575  3.712   -1.284  1.00 0.00 ? 5  DT  A N3    1 
ATOM   94  C C4    . DT  A 1 5  ? -1.420  3.515   -2.343  1.00 0.00 ? 5  DT  A C4    1 
ATOM   95  O O4    . DT  A 1 5  ? -2.074  2.498   -2.422  1.00 0.00 ? 5  DT  A O4    1 
ATOM   96  C C5    . DT  A 1 5  ? -1.427  4.586   -3.284  1.00 0.00 ? 5  DT  A C5    1 
ATOM   97  C C7    . DT  A 1 5  ? -2.275  4.491   -4.505  1.00 0.00 ? 5  DT  A C7    1 
ATOM   98  C C6    . DT  A 1 5  ? -0.671  5.671   -3.083  1.00 0.00 ? 5  DT  A C6    1 
ATOM   99  P P     . DT  A 1 6  ? 4.785   8.679   -2.269  1.00 0.00 ? 6  DT  A P     1 
ATOM   100 O OP1   . DT  A 1 6  ? 5.674   9.462   -1.433  1.00 0.00 ? 6  DT  A OP1   1 
ATOM   101 O OP2   . DT  A 1 6  ? 4.987   8.785   -3.695  1.00 0.00 ? 6  DT  A OP2   1 
ATOM   102 O "O5'" . DT  A 1 6  ? 4.963   7.165   -1.857  1.00 0.00 ? 6  DT  A "O5'" 1 
ATOM   103 C "C5'" . DT  A 1 6  ? 4.866   6.796   -0.535  1.00 0.00 ? 6  DT  A "C5'" 1 
ATOM   104 C "C4'" . DT  A 1 6  ? 4.743   5.313   -0.327  1.00 0.00 ? 6  DT  A "C4'" 1 
ATOM   105 O "O4'" . DT  A 1 6  ? 3.670   4.747   -1.015  1.00 0.00 ? 6  DT  A "O4'" 1 
ATOM   106 C "C3'" . DT  A 1 6  ? 5.959   4.538   -0.781  1.00 0.00 ? 6  DT  A "C3'" 1 
ATOM   107 O "O3'" . DT  A 1 6  ? 6.846   4.425   0.280   1.00 0.00 ? 6  DT  A "O3'" 1 
ATOM   108 C "C2'" . DT  A 1 6  ? 5.361   3.251   -1.269  1.00 0.00 ? 6  DT  A "C2'" 1 
ATOM   109 C "C1'" . DT  A 1 6  ? 3.893   3.372   -0.935  1.00 0.00 ? 6  DT  A "C1'" 1 
ATOM   110 N N1    . DT  A 1 6  ? 3.009   2.572   -1.789  1.00 0.00 ? 6  DT  A N1    1 
ATOM   111 C C2    . DT  A 1 6  ? 2.642   1.338   -1.329  1.00 0.00 ? 6  DT  A C2    1 
ATOM   112 O O2    . DT  A 1 6  ? 3.104   0.828   -0.338  1.00 0.00 ? 6  DT  A O2    1 
ATOM   113 N N3    . DT  A 1 6  ? 1.718   0.639   -2.070  1.00 0.00 ? 6  DT  A N3    1 
ATOM   114 C C4    . DT  A 1 6  ? 1.138   1.083   -3.225  1.00 0.00 ? 6  DT  A C4    1 
ATOM   115 O O4    . DT  A 1 6  ? 0.279   0.410   -3.751  1.00 0.00 ? 6  DT  A O4    1 
ATOM   116 C C5    . DT  A 1 6  ? 1.647   2.338   -3.688  1.00 0.00 ? 6  DT  A C5    1 
ATOM   117 C C7    . DT  A 1 6  ? 1.228   2.843   -5.021  1.00 0.00 ? 6  DT  A C7    1 
ATOM   118 C C6    . DT  A 1 6  ? 2.542   3.028   -2.968  1.00 0.00 ? 6  DT  A C6    1 
ATOM   119 P P     . DT  A 1 7  ? 8.276   3.731   0.170   1.00 0.00 ? 7  DT  A P     1 
ATOM   120 O OP1   . DT  A 1 7  ? 9.044   4.121   1.338   1.00 0.00 ? 7  DT  A OP1   1 
ATOM   121 O OP2   . DT  A 1 7  ? 8.844   4.048   -1.126  1.00 0.00 ? 7  DT  A OP2   1 
ATOM   122 O "O5'" . DT  A 1 7  ? 8.052   2.163   0.246   1.00 0.00 ? 7  DT  A "O5'" 1 
ATOM   123 C "C5'" . DT  A 1 7  ? 7.624   1.568   1.408   1.00 0.00 ? 7  DT  A "C5'" 1 
ATOM   124 C "C4'" . DT  A 1 7  ? 7.288   0.119   1.227   1.00 0.00 ? 7  DT  A "C4'" 1 
ATOM   125 O "O4'" . DT  A 1 7  ? 6.229   -0.048  0.352   1.00 0.00 ? 7  DT  A "O4'" 1 
ATOM   126 C "C3'" . DT  A 1 7  ? 8.409   -0.731  0.695   1.00 0.00 ? 7  DT  A "C3'" 1 
ATOM   127 O "O3'" . DT  A 1 7  ? 9.030   -1.392  1.741   1.00 0.00 ? 7  DT  A "O3'" 1 
ATOM   128 C "C2'" . DT  A 1 7  ? 7.718   -1.605  -0.274  1.00 0.00 ? 7  DT  A "C2'" 1 
ATOM   129 C "C1'" . DT  A 1 7  ? 6.267   -1.357  -0.082  1.00 0.00 ? 7  DT  A "C1'" 1 
ATOM   130 N N1    . DT  A 1 7  ? 5.446   -1.541  -1.280  1.00 0.00 ? 7  DT  A N1    1 
ATOM   131 C C2    . DT  A 1 7  ? 4.634   -2.644  -1.360  1.00 0.00 ? 7  DT  A C2    1 
ATOM   132 O O2    . DT  A 1 7  ? 4.618   -3.543  -0.541  1.00 0.00 ? 7  DT  A O2    1 
ATOM   133 N N3    . DT  A 1 7  ? 3.809   -2.724  -2.464  1.00 0.00 ? 7  DT  A N3    1 
ATOM   134 C C4    . DT  A 1 7  ? 3.755   -1.816  -3.490  1.00 0.00 ? 7  DT  A C4    1 
ATOM   135 O O4    . DT  A 1 7  ? 3.004   -2.017  -4.423  1.00 0.00 ? 7  DT  A O4    1 
ATOM   136 C C5    . DT  A 1 7  ? 4.654   -0.712  -3.342  1.00 0.00 ? 7  DT  A C5    1 
ATOM   137 C C7    . DT  A 1 7  ? 4.768   0.298   -4.435  1.00 0.00 ? 7  DT  A C7    1 
ATOM   138 C C6    . DT  A 1 7  ? 5.438   -0.609  -2.257  1.00 0.00 ? 7  DT  A C6    1 
ATOM   139 P P     . DA  A 1 8  ? 10.379  -2.204  1.614   1.00 0.00 ? 8  DA  A P     1 
ATOM   140 O OP1   . DA  A 1 8  ? 10.963  -2.321  2.916   1.00 0.00 ? 8  DA  A OP1   1 
ATOM   141 O OP2   . DA  A 1 8  ? 11.176  -1.577  0.611   1.00 0.00 ? 8  DA  A OP2   1 
ATOM   142 O "O5'" . DA  A 1 8  ? 10.030  -3.657  1.132   1.00 0.00 ? 8  DA  A "O5'" 1 
ATOM   143 C "C5'" . DA  A 1 8  ? 9.474   -4.580  1.984   1.00 0.00 ? 8  DA  A "C5'" 1 
ATOM   144 C "C4'" . DA  A 1 8  ? 8.768   -5.672  1.249   1.00 0.00 ? 8  DA  A "C4'" 1 
ATOM   145 O "O4'" . DA  A 1 8  ? 7.706   -5.116  0.531   1.00 0.00 ? 8  DA  A "O4'" 1 
ATOM   146 C "C3'" . DA  A 1 8  ? 9.643   -6.436  0.304   1.00 0.00 ? 8  DA  A "C3'" 1 
ATOM   147 O "O3'" . DA  A 1 8  ? 9.475   -7.804  0.402   1.00 0.00 ? 8  DA  A "O3'" 1 
ATOM   148 C "C2'" . DA  A 1 8  ? 9.056   -5.944  -0.997  1.00 0.00 ? 8  DA  A "C2'" 1 
ATOM   149 C "C1'" . DA  A 1 8  ? 7.599   -5.886  -0.623  1.00 0.00 ? 8  DA  A "C1'" 1 
ATOM   150 N N9    . DA  A 1 8  ? 6.902   -5.367  -1.801  1.00 0.00 ? 8  DA  A N9    1 
ATOM   151 C C8    . DA  A 1 8  ? 7.331   -4.414  -2.668  1.00 0.00 ? 8  DA  A C8    1 
ATOM   152 N N7    . DA  A 1 8  ? 6.556   -4.267  -3.691  1.00 0.00 ? 8  DA  A N7    1 
ATOM   153 C C5    . DA  A 1 8  ? 5.611   -5.262  -3.568  1.00 0.00 ? 8  DA  A C5    1 
ATOM   154 C C6    . DA  A 1 8  ? 4.544   -5.546  -4.420  1.00 0.00 ? 8  DA  A C6    1 
ATOM   155 N N6    . DA  A 1 8  ? 4.217   -4.771  -5.445  1.00 0.00 ? 8  DA  A N6    1 
ATOM   156 N N1    . DA  A 1 8  ? 3.809   -6.632  -4.231  1.00 0.00 ? 8  DA  A N1    1 
ATOM   157 C C2    . DA  A 1 8  ? 4.134   -7.451  -3.256  1.00 0.00 ? 8  DA  A C2    1 
ATOM   158 N N3    . DA  A 1 8  ? 5.260   -7.200  -2.311  1.00 0.00 ? 8  DA  A N3    1 
ATOM   159 C C4    . DA  A 1 8  ? 5.921   -6.021  -2.486  1.00 0.00 ? 8  DA  A C4    1 
ATOM   160 P P     . DC  A 1 9  ? 10.472  -8.844  0.722   1.00 0.00 ? 9  DC  A P     1 
ATOM   161 O OP1   . DC  A 1 9  ? 10.829  -8.754  2.019   1.00 0.00 ? 9  DC  A OP1   1 
ATOM   162 O OP2   . DC  A 1 9  ? 11.503  -8.731  -0.201  1.00 0.00 ? 9  DC  A OP2   1 
ATOM   163 O "O5'" . DC  A 1 9  ? 9.733   -10.218 0.542   1.00 0.00 ? 9  DC  A "O5'" 1 
ATOM   164 C "C5'" . DC  A 1 9  ? 8.728   -10.655 1.355   1.00 0.00 ? 9  DC  A "C5'" 1 
ATOM   165 C "C4'" . DC  A 1 9  ? 7.811   -11.584 0.622   1.00 0.00 ? 9  DC  A "C4'" 1 
ATOM   166 O "O4'" . DC  A 1 9  ? 7.224   -10.883 -0.414  1.00 0.00 ? 9  DC  A "O4'" 1 
ATOM   167 C "C3'" . DC  A 1 9  ? 8.468   -12.817 0.048   1.00 0.00 ? 9  DC  A "C3'" 1 
ATOM   168 O "O3'" . DC  A 1 9  ? 7.746   -13.928 0.478   1.00 0.00 ? 9  DC  A "O3'" 1 
ATOM   169 C "C2'" . DC  A 1 9  ? 8.394   -12.582 -1.436  1.00 0.00 ? 9  DC  A "C2'" 1 
ATOM   170 C "C1'" . DC  A 1 9  ? 7.219   -11.652 -1.569  1.00 0.00 ? 9  DC  A "C1'" 1 
ATOM   171 N N1    . DC  A 1 9  ? 7.350   -10.763 -2.718  1.00 0.00 ? 9  DC  A N1    1 
ATOM   172 C C2    . DC  A 1 9  ? 6.389   -10.767 -3.691  1.00 0.00 ? 9  DC  A C2    1 
ATOM   173 O O2    . DC  A 1 9  ? 5.538   -11.621 -3.741  1.00 0.00 ? 9  DC  A O2    1 
ATOM   174 N N3    . DC  A 1 9  ? 6.356   -9.779  -4.601  1.00 0.00 ? 9  DC  A N3    1 
ATOM   175 C C4    . DC  A 1 9  ? 7.341   -8.900  -4.658  1.00 0.00 ? 9  DC  A C4    1 
ATOM   176 N N4    . DC  A 1 9  ? 7.213   -7.889  -5.501  1.00 0.00 ? 9  DC  A N4    1 
ATOM   177 C C5    . DC  A 1 9  ? 8.398   -8.920  -3.713  1.00 0.00 ? 9  DC  A C5    1 
ATOM   178 C C6    . DC  A 1 9  ? 8.357   -9.868  -2.772  1.00 0.00 ? 9  DC  A C6    1 
ATOM   179 P P     . DG  A 1 10 ? 8.131   -15.422 0.126   1.00 0.00 ? 10 DG  A P     1 
ATOM   180 O OP1   . DG  A 1 10 ? 7.456   -16.283 1.083   1.00 0.00 ? 10 DG  A OP1   1 
ATOM   181 O OP2   . DG  A 1 10 ? 9.569   -15.519 0.073   1.00 0.00 ? 10 DG  A OP2   1 
ATOM   182 O "O5'" . DG  A 1 10 ? 7.553   -15.731 -1.303  1.00 0.00 ? 10 DG  A "O5'" 1 
ATOM   183 C "C5'" . DG  A 1 10 ? 6.209   -15.851 -1.500  1.00 0.00 ? 10 DG  A "C5'" 1 
ATOM   184 C "C4'" . DG  A 1 10 ? 5.859   -15.878 -2.951  1.00 0.00 ? 10 DG  A "C4'" 1 
ATOM   185 O "O4'" . DG  A 1 10 ? 6.213   -14.698 -3.574  1.00 0.00 ? 10 DG  A "O4'" 1 
ATOM   186 C "C3'" . DG  A 1 10 ? 6.495   -16.968 -3.725  1.00 0.00 ? 10 DG  A "C3'" 1 
ATOM   187 O "O3'" . DG  A 1 10 ? 5.566   -17.660 -4.415  1.00 0.00 ? 10 DG  A "O3'" 1 
ATOM   188 C "C2'" . DG  A 1 10 ? 7.358   -16.230 -4.687  1.00 0.00 ? 10 DG  A "C2'" 1 
ATOM   189 C "C1'" . DG  A 1 10 ? 6.632   -14.955 -4.852  1.00 0.00 ? 10 DG  A "C1'" 1 
ATOM   190 N N9    . DG  A 1 10 ? 7.413   -13.860 -5.382  1.00 0.00 ? 10 DG  A N9    1 
ATOM   191 C C8    . DG  A 1 10 ? 8.540   -13.327 -4.874  1.00 0.00 ? 10 DG  A C8    1 
ATOM   192 N N7    . DG  A 1 10 ? 8.903   -12.235 -5.443  1.00 0.00 ? 10 DG  A N7    1 
ATOM   193 C C5    . DG  A 1 10 ? 7.964   -12.046 -6.426  1.00 0.00 ? 10 DG  A C5    1 
ATOM   194 C C6    . DG  A 1 10 ? 7.829   -11.011 -7.359  1.00 0.00 ? 10 DG  A C6    1 
ATOM   195 O O6    . DG  A 1 10 ? 8.502   -10.018 -7.472  1.00 0.00 ? 10 DG  A O6    1 
ATOM   196 N N1    . DG  A 1 10 ? 6.767   -11.181 -8.199  1.00 0.00 ? 10 DG  A N1    1 
ATOM   197 C C2    . DG  A 1 10 ? 5.937   -12.252 -8.154  1.00 0.00 ? 10 DG  A C2    1 
ATOM   198 N N2    . DG  A 1 10 ? 4.969   -12.317 -9.047  1.00 0.00 ? 10 DG  A N2    1 
ATOM   199 N N3    . DG  A 1 10 ? 6.049   -13.218 -7.260  1.00 0.00 ? 10 DG  A N3    1 
ATOM   200 C C4    . DG  A 1 10 ? 7.073   -13.055 -6.420  1.00 0.00 ? 10 DG  A C4    1 
ATOM   201 O "O5'" . DC  B 2 1  ? 5.487   -6.551  -15.820 1.00 0.00 ? 11 DC  B "O5'" 1 
ATOM   202 C "C5'" . DC  B 2 1  ? 4.605   -6.934  -16.029 1.00 0.00 ? 11 DC  B "C5'" 1 
ATOM   203 C "C4'" . DC  B 2 1  ? 4.165   -8.068  -15.266 1.00 0.00 ? 11 DC  B "C4'" 1 
ATOM   204 O "O4'" . DC  B 2 1  ? 5.012   -8.265  -14.253 1.00 0.00 ? 11 DC  B "O4'" 1 
ATOM   205 C "C3'" . DC  B 2 1  ? 2.813   -7.915  -14.715 1.00 0.00 ? 11 DC  B "C3'" 1 
ATOM   206 O "O3'" . DC  B 2 1  ? 2.035   -8.952  -15.128 1.00 0.00 ? 11 DC  B "O3'" 1 
ATOM   207 C "C2'" . DC  B 2 1  ? 3.050   -7.926  -13.260 1.00 0.00 ? 11 DC  B "C2'" 1 
ATOM   208 C "C1'" . DC  B 2 1  ? 4.328   -8.653  -13.141 1.00 0.00 ? 11 DC  B "C1'" 1 
ATOM   209 N N1    . DC  B 2 1  ? 5.068   -8.341  -11.948 1.00 0.00 ? 11 DC  B N1    1 
ATOM   210 C C2    . DC  B 2 1  ? 5.255   -9.279  -11.016 1.00 0.00 ? 11 DC  B C2    1 
ATOM   211 O O2    . DC  B 2 1  ? 4.712   -10.332 -11.099 1.00 0.00 ? 11 DC  B O2    1 
ATOM   212 N N3    . DC  B 2 1  ? 6.068   -9.051  -9.984  1.00 0.00 ? 11 DC  B N3    1 
ATOM   213 C C4    . DC  B 2 1  ? 6.645   -7.899  -9.842  1.00 0.00 ? 11 DC  B C4    1 
ATOM   214 N N4    . DC  B 2 1  ? 7.478   -7.722  -8.839  1.00 0.00 ? 11 DC  B N4    1 
ATOM   215 C C5    . DC  B 2 1  ? 6.415   -6.883  -10.750 1.00 0.00 ? 11 DC  B C5    1 
ATOM   216 C C6    . DC  B 2 1  ? 5.629   -7.159  -11.781 1.00 0.00 ? 11 DC  B C6    1 
ATOM   217 P P     . DG  B 2 2  ? 0.513   -9.021  -14.881 1.00 0.00 ? 12 DG  B P     1 
ATOM   218 O OP1   . DG  B 2 2  ? -0.056  -9.862  -15.836 1.00 0.00 ? 12 DG  B OP1   1 
ATOM   219 O OP2   . DG  B 2 2  ? 0.025   -7.717  -14.805 1.00 0.00 ? 12 DG  B OP2   1 
ATOM   220 O "O5'" . DG  B 2 2  ? 0.281   -9.698  -13.505 1.00 0.00 ? 12 DG  B "O5'" 1 
ATOM   221 C "C5'" . DG  B 2 2  ? 0.358   -11.045 -13.367 1.00 0.00 ? 12 DG  B "C5'" 1 
ATOM   222 C "C4'" . DG  B 2 2  ? 0.149   -11.437 -11.964 1.00 0.00 ? 12 DG  B "C4'" 1 
ATOM   223 O "O4'" . DG  B 2 2  ? 1.182   -10.953 -11.199 1.00 0.00 ? 12 DG  B "O4'" 1 
ATOM   224 C "C3'" . DG  B 2 2  ? -1.133  -10.940 -11.398 1.00 0.00 ? 12 DG  B "C3'" 1 
ATOM   225 O "O3'" . DG  B 2 2  ? -1.827  -12.022 -10.888 1.00 0.00 ? 12 DG  B "O3'" 1 
ATOM   226 C "C2'" . DG  B 2 2  ? -0.664  -9.957  -10.369 1.00 0.00 ? 12 DG  B "C2'" 1 
ATOM   227 C "C1'" . DG  B 2 2  ? 0.665   -10.511 -10.004 1.00 0.00 ? 12 DG  B "C1'" 1 
ATOM   228 N N9    . DG  B 2 2  ? 1.557   -9.521  -9.419  1.00 0.00 ? 12 DG  B N9    1 
ATOM   229 C C8    . DG  B 2 2  ? 1.780   -8.253  -9.836  1.00 0.00 ? 12 DG  B C8    1 
ATOM   230 N N7    . DG  B 2 2  ? 2.708   -7.635  -9.198  1.00 0.00 ? 12 DG  B N7    1 
ATOM   231 C C5    . DG  B 2 2  ? 3.128   -8.564  -8.282  1.00 0.00 ? 12 DG  B C5    1 
ATOM   232 C C6    . DG  B 2 2  ? 4.116   -8.464  -7.296  1.00 0.00 ? 12 DG  B C6    1 
ATOM   233 O O6    . DG  B 2 2  ? 4.831   -7.515  -7.062  1.00 0.00 ? 12 DG  B O6    1 
ATOM   234 N N1    . DG  B 2 2  ? 4.215   -9.588  -6.515  1.00 0.00 ? 12 DG  B N1    1 
ATOM   235 C C2    . DG  B 2 2  ? 3.426   -10.687 -6.666  1.00 0.00 ? 12 DG  B C2    1 
ATOM   236 N N2    . DG  B 2 2  ? 3.591   -11.693 -5.824  1.00 0.00 ? 12 DG  B N2    1 
ATOM   237 N N3    . DG  B 2 2  ? 2.507   -10.791 -7.609  1.00 0.00 ? 12 DG  B N3    1 
ATOM   238 C C4    . DG  B 2 2  ? 2.411   -9.708  -8.387  1.00 0.00 ? 12 DG  B C4    1 
ATOM   239 P P     . DT  B 2 3  ? -3.225  -11.912 -10.210 1.00 0.00 ? 13 DT  B P     1 
ATOM   240 O OP1   . DT  B 2 3  ? -3.891  -13.171 -10.417 1.00 0.00 ? 13 DT  B OP1   1 
ATOM   241 O OP2   . DT  B 2 3  ? -3.886  -10.725 -10.664 1.00 0.00 ? 13 DT  B OP2   1 
ATOM   242 O "O5'" . DT  B 2 3  ? -2.935  -11.737 -8.686  1.00 0.00 ? 13 DT  B "O5'" 1 
ATOM   243 C "C5'" . DT  B 2 3  ? -2.277  -12.716 -8.004  1.00 0.00 ? 13 DT  B "C5'" 1 
ATOM   244 C "C4'" . DT  B 2 3  ? -1.576  -12.188 -6.791  1.00 0.00 ? 13 DT  B "C4'" 1 
ATOM   245 O "O4'" . DT  B 2 3  ? -0.759  -11.106 -7.086  1.00 0.00 ? 13 DT  B "O4'" 1 
ATOM   246 C "C3'" . DT  B 2 3  ? -2.475  -11.754 -5.670  1.00 0.00 ? 13 DT  B "C3'" 1 
ATOM   247 O "O3'" . DT  B 2 3  ? -2.542  -12.784 -4.763  1.00 0.00 ? 13 DT  B "O3'" 1 
ATOM   248 C "C2'" . DT  B 2 3  ? -1.815  -10.502 -5.168  1.00 0.00 ? 13 DT  B "C2'" 1 
ATOM   249 C "C1'" . DT  B 2 3  ? -0.515  -10.419 -5.901  1.00 0.00 ? 13 DT  B "C1'" 1 
ATOM   250 N N1    . DT  B 2 3  ? -0.022  -9.062  -6.104  1.00 0.00 ? 13 DT  B N1    1 
ATOM   251 C C2    . DT  B 2 3  ? 1.002   -8.567  -5.350  1.00 0.00 ? 13 DT  B C2    1 
ATOM   252 O O2    . DT  B 2 3  ? 1.524   -9.153  -4.432  1.00 0.00 ? 13 DT  B O2    1 
ATOM   253 N N3    . DT  B 2 3  ? 1.459   -7.324  -5.700  1.00 0.00 ? 13 DT  B N3    1 
ATOM   254 C C4    . DT  B 2 3  ? 0.954   -6.524  -6.689  1.00 0.00 ? 13 DT  B C4    1 
ATOM   255 O O4    . DT  B 2 3  ? 1.482   -5.458  -6.905  1.00 0.00 ? 13 DT  B O4    1 
ATOM   256 C C5    . DT  B 2 3  ? -0.145  -7.093  -7.386  1.00 0.00 ? 13 DT  B C5    1 
ATOM   257 C C7    . DT  B 2 3  ? -0.825  -6.311  -8.443  1.00 0.00 ? 13 DT  B C7    1 
ATOM   258 C C6    . DT  B 2 3  ? -0.576  -8.319  -7.079  1.00 0.00 ? 13 DT  B C6    1 
ATOM   259 P P     . DA  B 2 4  ? -3.426  -12.743 -3.451  1.00 0.00 ? 14 DA  B P     1 
ATOM   260 O OP1   . DA  B 2 4  ? -3.574  -14.081 -3.003  1.00 0.00 ? 14 DA  B OP1   1 
ATOM   261 O OP2   . DA  B 2 4  ? -4.616  -12.014 -3.706  1.00 0.00 ? 14 DA  B OP2   1 
ATOM   262 O "O5'" . DA  B 2 4  ? -2.612  -11.960 -2.366  1.00 0.00 ? 14 DA  B "O5'" 1 
ATOM   263 C "C5'" . DA  B 2 4  ? -1.437  -12.452 -1.888  1.00 0.00 ? 14 DA  B "C5'" 1 
ATOM   264 C "C4'" . DA  B 2 4  ? -0.718  -11.428 -1.092  1.00 0.00 ? 14 DA  B "C4'" 1 
ATOM   265 O "O4'" . DA  B 2 4  ? -0.287  -10.384 -1.899  1.00 0.00 ? 14 DA  B "O4'" 1 
ATOM   266 C "C3'" . DA  B 2 4  ? -1.551  -10.865 0.022   1.00 0.00 ? 14 DA  B "C3'" 1 
ATOM   267 O "O3'" . DA  B 2 4  ? -0.835  -10.956 1.184   1.00 0.00 ? 14 DA  B "O3'" 1 
ATOM   268 C "C2'" . DA  B 2 4  ? -1.736  -9.458  -0.468  1.00 0.00 ? 14 DA  B "C2'" 1 
ATOM   269 C "C1'" . DA  B 2 4  ? -0.422  -9.207  -1.168  1.00 0.00 ? 14 DA  B "C1'" 1 
ATOM   270 N N9    . DA  B 2 4  ? -0.453  -8.015  -2.012  1.00 0.00 ? 14 DA  B N9    1 
ATOM   271 C C8    . DA  B 2 4  ? -1.422  -7.627  -2.881  1.00 0.00 ? 14 DA  B C8    1 
ATOM   272 N N7    . DA  B 2 4  ? -1.169  -6.534  -3.521  1.00 0.00 ? 14 DA  B N7    1 
ATOM   273 C C5    . DA  B 2 4  ? 0.039   -6.130  -2.993  1.00 0.00 ? 14 DA  B C5    1 
ATOM   274 C C6    . DA  B 2 4  ? 0.852   -5.020  -3.201  1.00 0.00 ? 14 DA  B C6    1 
ATOM   275 N N6    . DA  B 2 4  ? 0.629   -4.080  -4.110  1.00 0.00 ? 14 DA  B N6    1 
ATOM   276 N N1    . DA  B 2 4  ? 1.952   -4.889  -2.466  1.00 0.00 ? 14 DA  B N1    1 
ATOM   277 C C2    . DA  B 2 4  ? 2.230   -5.799  -1.560  1.00 0.00 ? 14 DA  B C2    1 
ATOM   278 N N3    . DA  B 2 4  ? 1.583   -6.912  -1.307  1.00 0.00 ? 14 DA  B N3    1 
ATOM   279 C C4    . DA  B 2 4  ? 0.468   -7.012  -2.052  1.00 0.00 ? 14 DA  B C4    1 
ATOM   280 P P     . DA  B 2 5  ? -1.434  -10.627 2.600   1.00 0.00 ? 15 DA  B P     1 
ATOM   281 O OP1   . DA  B 2 5  ? -1.188  -11.682 3.395   1.00 0.00 ? 15 DA  B OP1   1 
ATOM   282 O OP2   . DA  B 2 5  ? -2.736  -10.249 2.510   1.00 0.00 ? 15 DA  B OP2   1 
ATOM   283 O "O5'" . DA  B 2 5  ? -0.702  -9.444  3.158   1.00 0.00 ? 15 DA  B "O5'" 1 
ATOM   284 C "C5'" . DA  B 2 5  ? 0.637   -9.274  3.269   1.00 0.00 ? 15 DA  B "C5'" 1 
ATOM   285 C "C4'" . DA  B 2 5  ? 1.011   -7.835  3.268   1.00 0.00 ? 15 DA  B "C4'" 1 
ATOM   286 O "O4'" . DA  B 2 5  ? 0.734   -7.268  2.033   1.00 0.00 ? 15 DA  B "O4'" 1 
ATOM   287 C "C3'" . DA  B 2 5  ? 0.303   -7.000  4.291   1.00 0.00 ? 15 DA  B "C3'" 1 
ATOM   288 O "O3'" . DA  B 2 5  ? 1.055   -6.790  5.414   1.00 0.00 ? 15 DA  B "O3'" 1 
ATOM   289 C "C2'" . DA  B 2 5  ? 0.028   -5.772  3.543   1.00 0.00 ? 15 DA  B "C2'" 1 
ATOM   290 C "C1'" . DA  B 2 5  ? 0.730   -5.908  2.243   1.00 0.00 ? 15 DA  B "C1'" 1 
ATOM   291 N N9    . DA  B 2 5  ? 0.100   -5.151  1.161   1.00 0.00 ? 15 DA  B N9    1 
ATOM   292 C C8    . DA  B 2 5  ? -1.011  -5.396  0.415   1.00 0.00 ? 15 DA  B C8    1 
ATOM   293 N N7    . DA  B 2 5  ? -1.242  -4.521  -0.511  1.00 0.00 ? 15 DA  B N7    1 
ATOM   294 C C5    . DA  B 2 5  ? -0.221  -3.610  -0.351  1.00 0.00 ? 15 DA  B C5    1 
ATOM   295 C C6    . DA  B 2 5  ? 0.133   -2.429  -1.003  1.00 0.00 ? 15 DA  B C6    1 
ATOM   296 N N6    . DA  B 2 5  ? -0.544  -1.926  -2.033  1.00 0.00 ? 15 DA  B N6    1 
ATOM   297 N N1    . DA  B 2 5  ? 1.206   -1.763  -0.591  1.00 0.00 ? 15 DA  B N1    1 
ATOM   298 C C2    . DA  B 2 5  ? 1.900   -2.232  0.424   1.00 0.00 ? 15 DA  B C2    1 
ATOM   299 N N3    . DA  B 2 5  ? 1.676   -3.319  1.126   1.00 0.00 ? 15 DA  B N3    1 
ATOM   300 C C4    . DA  B 2 5  ? 0.589   -3.974  0.680   1.00 0.00 ? 15 DA  B C4    1 
ATOM   301 P P     . DA  B 2 6  ? 0.529   -6.124  6.735   1.00 0.00 ? 16 DA  B P     1 
ATOM   302 O OP1   . DA  B 2 6  ? 1.378   -6.508  7.808   1.00 0.00 ? 16 DA  B OP1   1 
ATOM   303 O OP2   . DA  B 2 6  ? -0.846  -6.463  6.858   1.00 0.00 ? 16 DA  B OP2   1 
ATOM   304 O "O5'" . DA  B 2 6  ? 0.653   -4.571  6.582   1.00 0.00 ? 16 DA  B "O5'" 1 
ATOM   305 C "C5'" . DA  B 2 6  ? 1.869   -3.952  6.616   1.00 0.00 ? 16 DA  B "C5'" 1 
ATOM   306 C "C4'" . DA  B 2 6  ? 1.817   -2.523  6.205   1.00 0.00 ? 16 DA  B "C4'" 1 
ATOM   307 O "O4'" . DA  B 2 6  ? 1.378   -2.428  4.882   1.00 0.00 ? 16 DA  B "O4'" 1 
ATOM   308 C "C3'" . DA  B 2 6  ? 0.827   -1.757  7.021   1.00 0.00 ? 16 DA  B "C3'" 1 
ATOM   309 O "O3'" . DA  B 2 6  ? 1.443   -0.733  7.686   1.00 0.00 ? 16 DA  B "O3'" 1 
ATOM   310 C "C2'" . DA  B 2 6  ? -0.032  -1.136  5.965   1.00 0.00 ? 16 DA  B "C2'" 1 
ATOM   311 C "C1'" . DA  B 2 6  ? 0.808   -1.180  4.732   1.00 0.00 ? 16 DA  B "C1'" 1 
ATOM   312 N N9    . DA  B 2 6  ? -0.009  -1.069  3.523   1.00 0.00 ? 16 DA  B N9    1 
ATOM   313 C C8    . DA  B 2 6  ? -0.907  -1.943  3.025   1.00 0.00 ? 16 DA  B C8    1 
ATOM   314 N N7    . DA  B 2 6  ? -1.482  -1.569  1.929   1.00 0.00 ? 16 DA  B N7    1 
ATOM   315 C C5    . DA  B 2 6  ? -0.912  -0.354  1.676   1.00 0.00 ? 16 DA  B C5    1 
ATOM   316 C C6    . DA  B 2 6  ? -1.069  0.581   0.660   1.00 0.00 ? 16 DA  B C6    1 
ATOM   317 N N6    . DA  B 2 6  ? -1.897  0.441   -0.360  1.00 0.00 ? 16 DA  B N6    1 
ATOM   318 N N1    . DA  B 2 6  ? -0.356  1.689   0.701   1.00 0.00 ? 16 DA  B N1    1 
ATOM   319 C C2    . DA  B 2 6  ? 0.451   1.884   1.712   1.00 0.00 ? 16 DA  B C2    1 
ATOM   320 N N3    . DA  B 2 6  ? 0.678   1.093   2.734   1.00 0.00 ? 16 DA  B N3    1 
ATOM   321 C C4    . DA  B 2 6  ? -0.030  -0.031  2.652   1.00 0.00 ? 16 DA  B C4    1 
ATOM   322 P P     . DA  B 2 7  ? 1.953   -0.582  9.018   1.00 0.00 ? 17 DA  B P     1 
ATOM   323 O OP1   . DA  B 2 7  ? 3.081   -1.276  9.173   1.00 0.00 ? 17 DA  B OP1   1 
ATOM   324 O OP2   . DA  B 2 7  ? 0.917   -0.907  9.892   1.00 0.00 ? 17 DA  B OP2   1 
ATOM   325 O "O5'" . DA  B 2 7  ? 2.346   0.904   9.156   1.00 0.00 ? 17 DA  B "O5'" 1 
ATOM   326 C "C5'" . DA  B 2 7  ? 3.310   1.558   8.465   1.00 0.00 ? 17 DA  B "C5'" 1 
ATOM   327 C "C4'" . DA  B 2 7  ? 2.794   2.725   7.695   1.00 0.00 ? 17 DA  B "C4'" 1 
ATOM   328 O "O4'" . DA  B 2 7  ? 1.830   2.340   6.799   1.00 0.00 ? 17 DA  B "O4'" 1 
ATOM   329 C "C3'" . DA  B 2 7  ? 2.234   3.862   8.490   1.00 0.00 ? 17 DA  B "C3'" 1 
ATOM   330 O "O3'" . DA  B 2 7  ? 3.049   4.943   8.325   1.00 0.00 ? 17 DA  B "O3'" 1 
ATOM   331 C "C2'" . DA  B 2 7  ? 0.904   4.054   7.858   1.00 0.00 ? 17 DA  B "C2'" 1 
ATOM   332 C "C1'" . DA  B 2 7  ? 1.043   3.447   6.522   1.00 0.00 ? 17 DA  B "C1'" 1 
ATOM   333 N N9    . DA  B 2 7  ? -0.212  3.096   5.892   1.00 0.00 ? 17 DA  B N9    1 
ATOM   334 C C8    . DA  B 2 7  ? -1.190  2.247   6.297   1.00 0.00 ? 17 DA  B C8    1 
ATOM   335 N N7    . DA  B 2 7  ? -2.141  2.086   5.449   1.00 0.00 ? 17 DA  B N7    1 
ATOM   336 C C5    . DA  B 2 7  ? -1.777  2.919   4.414   1.00 0.00 ? 17 DA  B C5    1 
ATOM   337 C C6    . DA  B 2 7  ? -2.361  3.235   3.197   1.00 0.00 ? 17 DA  B C6    1 
ATOM   338 N N6    . DA  B 2 7  ? -3.485  2.685   2.771   1.00 0.00 ? 17 DA  B N6    1 
ATOM   339 N N1    . DA  B 2 7  ? -1.809  4.170   2.433   1.00 0.00 ? 17 DA  B N1    1 
ATOM   340 C C2    . DA  B 2 7  ? -0.689  4.718   2.831   1.00 0.00 ? 17 DA  B C2    1 
ATOM   341 N N3    . DA  B 2 7  ? -0.017  4.489   3.927   1.00 0.00 ? 17 DA  B N3    1 
ATOM   342 C C4    . DA  B 2 7  ? -0.620  3.565   4.692   1.00 0.00 ? 17 DA  B C4    1 
ATOM   343 P P     . DA  B 2 8  ? 2.985   6.269   9.181   1.00 0.00 ? 18 DA  B P     1 
ATOM   344 O OP1   . DA  B 2 8  ? 4.290   6.625   9.532   1.00 0.00 ? 18 DA  B OP1   1 
ATOM   345 O OP2   . DA  B 2 8  ? 2.099   6.089   10.241  1.00 0.00 ? 18 DA  B OP2   1 
ATOM   346 O "O5'" . DA  B 2 8  ? 2.423   7.401   8.290   1.00 0.00 ? 18 DA  B "O5'" 1 
ATOM   347 C "C5'" . DA  B 2 8  ? 3.161   7.925   7.302   1.00 0.00 ? 18 DA  B "C5'" 1 
ATOM   348 C "C4'" . DA  B 2 8  ? 2.358   8.678   6.341   1.00 0.00 ? 18 DA  B "C4'" 1 
ATOM   349 O "O4'" . DA  B 2 8  ? 1.411   7.823   5.815   1.00 0.00 ? 18 DA  B "O4'" 1 
ATOM   350 C "C3'" . DA  B 2 8  ? 1.695   9.907   6.872   1.00 0.00 ? 18 DA  B "C3'" 1 
ATOM   351 O "O3'" . DA  B 2 8  ? 2.142   11.032  6.199   1.00 0.00 ? 18 DA  B "O3'" 1 
ATOM   352 C "C2'" . DA  B 2 8  ? 0.243   9.615   6.611   1.00 0.00 ? 18 DA  B "C2'" 1 
ATOM   353 C "C1'" . DA  B 2 8  ? 0.266   8.558   5.544   1.00 0.00 ? 18 DA  B "C1'" 1 
ATOM   354 N N9    . DA  B 2 8  ? -0.900  7.677   5.613   1.00 0.00 ? 18 DA  B N9    1 
ATOM   355 C C8    . DA  B 2 8  ? -1.176  6.721   6.535   1.00 0.00 ? 18 DA  B C8    1 
ATOM   356 N N7    . DA  B 2 8  ? -2.213  6.008   6.244   1.00 0.00 ? 18 DA  B N7    1 
ATOM   357 C C5    . DA  B 2 8  ? -2.677  6.514   5.051   1.00 0.00 ? 18 DA  B C5    1 
ATOM   358 C C6    . DA  B 2 8  ? -3.766  6.079   4.302   1.00 0.00 ? 18 DA  B C6    1 
ATOM   359 N N6    . DA  B 2 8  ? -4.543  5.071   4.677   1.00 0.00 ? 18 DA  B N6    1 
ATOM   360 N N1    . DA  B 2 8  ? -4.062  6.650   3.141   1.00 0.00 ? 18 DA  B N1    1 
ATOM   361 C C2    . DA  B 2 8  ? -3.356  7.691   2.759   1.00 0.00 ? 18 DA  B C2    1 
ATOM   362 N N3    . DA  B 2 8  ? -2.228  8.243   3.558   1.00 0.00 ? 18 DA  B N3    1 
ATOM   363 C C4    . DA  B 2 8  ? -1.894  7.564   4.690   1.00 0.00 ? 18 DA  B C4    1 
ATOM   364 P P     . DC  B 2 9  ? 1.880   12.507  6.704   1.00 0.00 ? 19 DC  B P     1 
ATOM   365 O OP1   . DC  B 2 9  ? 2.845   13.387  6.063   1.00 0.00 ? 19 DC  B OP1   1 
ATOM   366 O OP2   . DC  B 2 9  ? 1.874   12.513  8.147   1.00 0.00 ? 19 DC  B OP2   1 
ATOM   367 O "O5'" . DC  B 2 9  ? 0.443   12.938  6.211   1.00 0.00 ? 19 DC  B "O5'" 1 
ATOM   368 C "C5'" . DC  B 2 9  ? 0.232   13.411  4.937   1.00 0.00 ? 19 DC  B "C5'" 1 
ATOM   369 C "C4'" . DC  B 2 9  ? -1.225  13.438  4.582   1.00 0.00 ? 19 DC  B "C4'" 1 
ATOM   370 O "O4'" . DC  B 2 9  ? -1.760  12.164  4.696   1.00 0.00 ? 19 DC  B "O4'" 1 
ATOM   371 C "C3'" . DC  B 2 9  ? -2.094  14.332  5.401   1.00 0.00 ? 19 DC  B "C3'" 1 
ATOM   372 O "O3'" . DC  B 2 9  ? -2.458  15.384  4.668   1.00 0.00 ? 19 DC  B "O3'" 1 
ATOM   373 C "C2'" . DC  B 2 9  ? -3.235  13.470  5.792   1.00 0.00 ? 19 DC  B "C2'" 1 
ATOM   374 C "C1'" . DC  B 2 9  ? -3.127  12.267  4.916   1.00 0.00 ? 19 DC  B "C1'" 1 
ATOM   375 N N1    . DC  B 2 9  ? -3.638  11.051  5.531   1.00 0.00 ? 19 DC  B N1    1 
ATOM   376 C C2    . DC  B 2 9  ? -4.622  10.358  4.906   1.00 0.00 ? 19 DC  B C2    1 
ATOM   377 O O2    . DC  B 2 9  ? -5.057  10.704  3.844   1.00 0.00 ? 19 DC  B O2    1 
ATOM   378 N N3    . DC  B 2 9  ? -5.092  9.219   5.440   1.00 0.00 ? 19 DC  B N3    1 
ATOM   379 C C4    . DC  B 2 9  ? -4.628  8.789   6.595   1.00 0.00 ? 19 DC  B C4    1 
ATOM   380 N N4    . DC  B 2 9  ? -5.122  7.660   7.070   1.00 0.00 ? 19 DC  B N4    1 
ATOM   381 C C5    . DC  B 2 9  ? -3.544  9.441   7.228   1.00 0.00 ? 19 DC  B C5    1 
ATOM   382 C C6    . DC  B 2 9  ? -3.093  10.561  6.659   1.00 0.00 ? 19 DC  B C6    1 
ATOM   383 P P     . DG  B 2 10 ? -3.424  16.468  5.174   1.00 0.00 ? 20 DG  B P     1 
ATOM   384 O OP1   . DG  B 2 10 ? -3.122  17.634  4.434   1.00 0.00 ? 20 DG  B OP1   1 
ATOM   385 O OP2   . DG  B 2 10 ? -3.333  16.564  6.566   1.00 0.00 ? 20 DG  B OP2   1 
ATOM   386 O "O5'" . DG  B 2 10 ? -4.875  15.998  4.856   1.00 0.00 ? 20 DG  B "O5'" 1 
ATOM   387 C "C5'" . DG  B 2 10 ? -5.275  15.926  3.643   1.00 0.00 ? 20 DG  B "C5'" 1 
ATOM   388 C "C4'" . DG  B 2 10 ? -6.612  15.293  3.520   1.00 0.00 ? 20 DG  B "C4'" 1 
ATOM   389 O "O4'" . DG  B 2 10 ? -6.630  14.084  3.987   1.00 0.00 ? 20 DG  B "O4'" 1 
ATOM   390 C "C3'" . DG  B 2 10 ? -7.699  15.933  4.174   1.00 0.00 ? 20 DG  B "C3'" 1 
ATOM   391 O "O3'" . DG  B 2 10 ? -8.643  16.156  3.517   1.00 0.00 ? 20 DG  B "O3'" 1 
ATOM   392 C "C2'" . DG  B 2 10 ? -8.231  15.142  5.099   1.00 0.00 ? 20 DG  B "C2'" 1 
ATOM   393 C "C1'" . DG  B 2 10 ? -7.795  13.847  4.635   1.00 0.00 ? 20 DG  B "C1'" 1 
ATOM   394 N N9    . DG  B 2 10 ? -7.584  12.897  5.671   1.00 0.00 ? 20 DG  B N9    1 
ATOM   395 C C8    . DG  B 2 10 ? -6.620  12.884  6.590   1.00 0.00 ? 20 DG  B C8    1 
ATOM   396 N N7    . DG  B 2 10 ? -6.617  11.851  7.321   1.00 0.00 ? 20 DG  B N7    1 
ATOM   397 C C5    . DG  B 2 10 ? -7.684  11.135  6.873   1.00 0.00 ? 20 DG  B C5    1 
ATOM   398 C C6    . DG  B 2 10 ? -8.177  9.906   7.282   1.00 0.00 ? 20 DG  B C6    1 
ATOM   399 O O6    . DG  B 2 10 ? -7.731  9.180   8.112   1.00 0.00 ? 20 DG  B O6    1 
ATOM   400 N N1    . DG  B 2 10 ? -9.303  9.532   6.628   1.00 0.00 ? 20 DG  B N1    1 
ATOM   401 C C2    . DG  B 2 10 ? -9.880  10.272  5.665   1.00 0.00 ? 20 DG  B C2    1 
ATOM   402 N N2    . DG  B 2 10 ? -10.977 9.815   5.122   1.00 0.00 ? 20 DG  B N2    1 
ATOM   403 N N3    . DG  B 2 10 ? -9.389  11.404  5.244   1.00 0.00 ? 20 DG  B N3    1 
ATOM   404 C C4    . DG  B 2 10 ? -8.297  11.785  5.885   1.00 0.00 ? 20 DG  B C4    1 
HETATM 405 C C     . BIZ C 3 .  ? 4.996   1.235   4.770   1.00 0.00 ? 21 BIZ B C     1 
HETATM 406 O O     . BIZ C 3 .  ? 6.144   1.408   4.710   1.00 0.00 ? 21 BIZ B O     1 
HETATM 407 N N1    . BIZ C 3 .  ? 4.472   0.056   4.980   1.00 0.00 ? 21 BIZ B N1    1 
HETATM 408 C C2    . BIZ C 3 .  ? 5.110   -1.214  4.923   1.00 0.00 ? 21 BIZ B C2    1 
HETATM 409 C C3    . BIZ C 3 .  ? 4.693   -2.156  3.998   1.00 0.00 ? 21 BIZ B C3    1 
HETATM 410 C C4    . BIZ C 3 .  ? 5.276   -3.414  3.886   1.00 0.00 ? 21 BIZ B C4    1 
HETATM 411 C C5    . BIZ C 3 .  ? 6.291   -3.724  4.807   1.00 0.00 ? 21 BIZ B C5    1 
HETATM 412 C C6    . BIZ C 3 .  ? 6.708   -2.819  5.768   1.00 0.00 ? 21 BIZ B C6    1 
HETATM 413 C C7    . BIZ C 3 .  ? 6.114   -1.569  5.810   1.00 0.00 ? 21 BIZ B C7    1 
HETATM 414 N N8    . BIZ C 3 .  ? 6.607   -5.023  4.522   1.00 0.00 ? 21 BIZ B N8    1 
HETATM 415 C C9    . BIZ C 3 .  ? 5.885   -5.530  3.479   1.00 0.00 ? 21 BIZ B C9    1 
HETATM 416 C C10   . BIZ C 3 .  ? 5.081   -4.560  3.025   1.00 0.00 ? 21 BIZ B C10   1 
HETATM 417 C C11   . BIZ C 3 .  ? 6.147   -6.952  3.164   1.00 0.00 ? 21 BIZ B C11   1 
HETATM 418 O O12   . BIZ C 3 .  ? 6.888   -7.539  3.926   1.00 0.00 ? 21 BIZ B O12   1 
HETATM 419 N N13   . BIZ C 3 .  ? 5.578   -7.587  2.156   1.00 0.00 ? 21 BIZ B N13   1 
HETATM 420 C C14   . BIZ C 3 .  ? 4.968   -6.986  1.005   1.00 0.00 ? 21 BIZ B C14   1 
HETATM 421 C C15   . BIZ C 3 .  ? 4.798   -8.080  -0.027  1.00 0.00 ? 21 BIZ B C15   1 
HETATM 422 C C16   . BIZ C 3 .  ? 4.709   -9.314  0.810   1.00 0.00 ? 21 BIZ B C16   1 
HETATM 423 C C17   . BIZ C 3 .  ? 5.236   -8.962  2.040   1.00 0.00 ? 21 BIZ B C17   1 
HETATM 424 C C18   . BIZ C 3 .  ? 5.543   -8.246  -1.326  1.00 0.00 ? 21 BIZ B C18   1 
HETATM 425 C C19   . BIZ C 3 .  ? 5.320   -9.893  3.055   1.00 0.00 ? 21 BIZ B C19   1 
HETATM 426 C C20   . BIZ C 3 .  ? 4.894   -11.198 2.894   1.00 0.00 ? 21 BIZ B C20   1 
HETATM 427 O O21   . BIZ C 3 .  ? 4.946   -12.110 3.844   1.00 0.00 ? 21 BIZ B O21   1 
HETATM 428 C C22   . BIZ C 3 .  ? 4.332   -11.501 1.577   1.00 0.00 ? 21 BIZ B C22   1 
HETATM 429 C C23   . BIZ C 3 .  ? 4.215   -10.580 0.530   1.00 0.00 ? 21 BIZ B C23   1 
HETATM 430 C C24   . BIZ C 3 .  ? 3.527   -11.235 -0.553  1.00 0.00 ? 21 BIZ B C24   1 
HETATM 431 C C25   . BIZ C 3 .  ? 3.342   -12.490 -0.165  1.00 0.00 ? 21 BIZ B C25   1 
HETATM 432 C C26   . BIZ C 3 .  ? 2.973   -10.689 -1.805  1.00 0.00 ? 21 BIZ B C26   1 
HETATM 433 N N27   . BIZ C 3 .  ? 3.838   -12.664 1.091   1.00 0.00 ? 21 BIZ B N27   1 
HETATM 434 N "N1'" . BIZ C 3 .  ? 4.135   2.192   4.654   1.00 0.00 ? 21 BIZ B "N1'" 1 
HETATM 435 C "C2'" . BIZ C 3 .  ? 4.316   3.578   4.392   1.00 0.00 ? 21 BIZ B "C2'" 1 
HETATM 436 C "C3'" . BIZ C 3 .  ? 3.410   4.268   3.641   1.00 0.00 ? 21 BIZ B "C3'" 1 
HETATM 437 C "C4'" . BIZ C 3 .  ? 3.507   5.634   3.412   1.00 0.00 ? 21 BIZ B "C4'" 1 
HETATM 438 C "C5'" . BIZ C 3 .  ? 4.578   6.313   3.958   1.00 0.00 ? 21 BIZ B "C5'" 1 
HETATM 439 C "C6'" . BIZ C 3 .  ? 5.520   5.643   4.661   1.00 0.00 ? 21 BIZ B "C6'" 1 
HETATM 440 C "C7'" . BIZ C 3 .  ? 5.368   4.284   4.883   1.00 0.00 ? 21 BIZ B "C7'" 1 
HETATM 441 N "N8'" . BIZ C 3 .  ? 4.382   7.611   3.606   1.00 0.00 ? 21 BIZ B "N8'" 1 
HETATM 442 C "C9'" . BIZ C 3 .  ? 3.219   7.797   2.967   1.00 0.00 ? 21 BIZ B "C9'" 1 
HETATM 443 C "CA'" . BIZ C 3 .  ? 2.693   6.595   2.743   1.00 0.00 ? 21 BIZ B "CA'" 1 
HETATM 444 C "CB'" . BIZ C 3 .  ? 2.840   9.197   2.704   1.00 0.00 ? 21 BIZ B "CB'" 1 
HETATM 445 O "OC'" . BIZ C 3 .  ? 3.644   10.048  2.994   1.00 0.00 ? 21 BIZ B "OC'" 1 
HETATM 446 N "ND'" . BIZ C 3 .  ? 1.670   9.515   2.220   1.00 0.00 ? 21 BIZ B "ND'" 1 
HETATM 447 C "CE'" . BIZ C 3 .  ? 0.558   8.622   2.081   1.00 0.00 ? 21 BIZ B "CE'" 1 
HETATM 448 C "CF'" . BIZ C 3 .  ? -0.698  9.454   1.958   1.00 0.00 ? 21 BIZ B "CF'" 1 
HETATM 449 C "CG'" . BIZ C 3 .  ? -0.188  10.800  1.556   1.00 0.00 ? 21 BIZ B "CG'" 1 
HETATM 450 C "CH'" . BIZ C 3 .  ? 1.180   10.775  1.781   1.00 0.00 ? 21 BIZ B "CH'" 1 
HETATM 451 C "CI'" . BIZ C 3 .  ? -1.663  9.516   3.108   1.00 0.00 ? 21 BIZ B "CI'" 1 
HETATM 452 C "CJ'" . BIZ C 3 .  ? 1.934   11.907  1.549   1.00 0.00 ? 21 BIZ B "CJ'" 1 
HETATM 453 C "CK'" . BIZ C 3 .  ? 1.378   13.088  1.095   1.00 0.00 ? 21 BIZ B "CK'" 1 
HETATM 454 O "OL'" . BIZ C 3 .  ? 2.058   14.194  0.880   1.00 0.00 ? 21 BIZ B "OL'" 1 
HETATM 455 C "CM'" . BIZ C 3 .  ? -0.069  13.041  0.860   1.00 0.00 ? 21 BIZ B "CM'" 1 
HETATM 456 C "CN'" . BIZ C 3 .  ? -0.866  11.910  1.077   1.00 0.00 ? 21 BIZ B "CN'" 1 
HETATM 457 C "CO'" . BIZ C 3 .  ? -2.219  12.233  0.686   1.00 0.00 ? 21 BIZ B "CO'" 1 
HETATM 458 C "CP'" . BIZ C 3 .  ? -2.191  13.511  0.330   1.00 0.00 ? 21 BIZ B "CP'" 1 
HETATM 459 C "CQ'" . BIZ C 3 .  ? -3.413  11.382  0.590   1.00 0.00 ? 21 BIZ B "CQ'" 1 
HETATM 460 N "NR'" . BIZ C 3 .  ? -0.924  14.004  0.428   1.00 0.00 ? 21 BIZ B "NR'" 1 
# 
